data_3ZO7
#
_entry.id   3ZO7
#
_cell.length_a   77.836
_cell.length_b   103.112
_cell.length_c   137.767
_cell.angle_alpha   90.00
_cell.angle_beta   90.00
_cell.angle_gamma   90.00
#
_symmetry.space_group_name_H-M   'P 21 21 21'
#
loop_
_entity.id
_entity.type
_entity.pdbx_description
1 polymer '5-CHLOROMUCONOLACTONE DEHALOGENASE'
2 non-polymer '(2S)-2-chloranyl-2-[(2R)-5-oxidanylidene-2H-furan-2-yl]ethanoic acid'
3 non-polymer 'CHLORIDE ION'
4 water water
#
_entity_poly.entity_id   1
_entity_poly.type   'polypeptide(L)'
_entity_poly.pdbx_seq_one_letter_code
;MLYLVRMTVNLPRNLDPREEERLKASAKARSRTLQEQGQWRYLWRTTGKYGNISVFDVNSHDELHEILWSLPFFPYLTID
VEPLSHHPARVGKD
;
_entity_poly.pdbx_strand_id   A,B,C,D,E,F,G,H,I,J
#
loop_
_chem_comp.id
_chem_comp.type
_chem_comp.name
_chem_comp.formula
CL non-polymer 'CHLORIDE ION' 'Cl -1'
K6H non-polymer '(2S)-2-chloranyl-2-[(2R)-5-oxidanylidene-2H-furan-2-yl]ethanoic acid' 'C6 H5 Cl O4'
#
# COMPACT_ATOMS: atom_id res chain seq x y z
N MET A 1 3.84 -21.65 22.91
CA MET A 1 3.47 -20.21 22.83
C MET A 1 2.62 -19.94 21.60
N LEU A 2 1.98 -18.79 21.57
CA LEU A 2 0.90 -18.54 20.63
C LEU A 2 1.31 -17.74 19.40
N TYR A 3 0.78 -18.15 18.24
CA TYR A 3 0.96 -17.41 17.00
C TYR A 3 -0.39 -17.23 16.33
N LEU A 4 -0.68 -16.01 15.87
CA LEU A 4 -1.85 -15.78 15.05
C LEU A 4 -1.47 -16.00 13.59
N VAL A 5 -2.15 -16.95 12.95
CA VAL A 5 -1.84 -17.31 11.58
C VAL A 5 -3.06 -17.14 10.67
N ARG A 6 -2.91 -16.33 9.63
CA ARG A 6 -3.97 -16.15 8.64
C ARG A 6 -3.60 -16.92 7.38
N MET A 7 -4.57 -17.65 6.84
CA MET A 7 -4.34 -18.44 5.64
C MET A 7 -5.37 -18.10 4.57
N THR A 8 -4.90 -17.84 3.36
CA THR A 8 -5.78 -17.58 2.24
C THR A 8 -5.44 -18.51 1.09
N VAL A 9 -6.45 -19.22 0.59
CA VAL A 9 -6.25 -20.21 -0.45
C VAL A 9 -6.44 -19.60 -1.83
N ASN A 10 -5.52 -19.92 -2.74
CA ASN A 10 -5.64 -19.52 -4.14
C ASN A 10 -5.35 -20.69 -5.05
N LEU A 11 -6.38 -21.49 -5.32
CA LEU A 11 -6.23 -22.68 -6.15
C LEU A 11 -5.98 -22.30 -7.60
N PRO A 12 -4.94 -22.90 -8.21
CA PRO A 12 -4.74 -22.72 -9.65
C PRO A 12 -5.95 -23.26 -10.40
N ARG A 13 -6.27 -22.70 -11.55
CA ARG A 13 -7.53 -23.02 -12.21
C ARG A 13 -7.57 -24.43 -12.79
N ASN A 14 -6.41 -24.96 -13.17
CA ASN A 14 -6.36 -26.29 -13.78
C ASN A 14 -6.25 -27.42 -12.75
N LEU A 15 -6.64 -27.13 -11.51
CA LEU A 15 -6.74 -28.15 -10.48
C LEU A 15 -8.13 -28.75 -10.56
N ASP A 16 -8.23 -30.00 -11.01
CA ASP A 16 -9.52 -30.62 -11.29
C ASP A 16 -10.27 -30.99 -10.02
N PRO A 17 -11.60 -31.18 -10.13
CA PRO A 17 -12.47 -31.45 -8.98
C PRO A 17 -11.97 -32.54 -8.03
N ARG A 18 -11.49 -33.66 -8.56
CA ARG A 18 -11.00 -34.73 -7.70
C ARG A 18 -9.75 -34.30 -6.94
N GLU A 19 -8.87 -33.58 -7.61
CA GLU A 19 -7.67 -33.05 -6.96
C GLU A 19 -8.05 -32.16 -5.78
N GLU A 20 -9.09 -31.34 -5.96
CA GLU A 20 -9.53 -30.45 -4.90
C GLU A 20 -10.23 -31.23 -3.78
N GLU A 21 -11.06 -32.19 -4.16
CA GLU A 21 -11.78 -33.00 -3.19
C GLU A 21 -10.79 -33.74 -2.28
N ARG A 22 -9.74 -34.27 -2.89
CA ARG A 22 -8.73 -35.04 -2.17
C ARG A 22 -7.88 -34.12 -1.28
N LEU A 23 -7.61 -32.92 -1.79
CA LEU A 23 -6.84 -31.93 -1.04
C LEU A 23 -7.61 -31.50 0.20
N LYS A 24 -8.90 -31.27 0.02
CA LYS A 24 -9.78 -30.83 1.09
C LYS A 24 -9.86 -31.88 2.21
N ALA A 25 -9.94 -33.14 1.82
CA ALA A 25 -10.03 -34.24 2.78
C ALA A 25 -8.70 -34.44 3.50
N SER A 26 -7.60 -34.24 2.79
CA SER A 26 -6.27 -34.35 3.39
C SER A 26 -6.08 -33.27 4.45
N ALA A 27 -6.42 -32.03 4.10
CA ALA A 27 -6.29 -30.91 5.01
C ALA A 27 -7.12 -31.12 6.26
N LYS A 28 -8.37 -31.52 6.07
CA LYS A 28 -9.28 -31.75 7.19
C LYS A 28 -8.70 -32.79 8.15
N ALA A 29 -8.15 -33.86 7.59
CA ALA A 29 -7.54 -34.92 8.39
C ALA A 29 -6.30 -34.40 9.13
N ARG A 30 -5.47 -33.66 8.41
CA ARG A 30 -4.23 -33.13 8.99
C ARG A 30 -4.53 -32.17 10.13
N SER A 31 -5.51 -31.30 9.94
CA SER A 31 -5.86 -30.32 10.95
C SER A 31 -6.50 -30.98 12.17
N ARG A 32 -7.29 -32.04 11.95
CA ARG A 32 -7.90 -32.75 13.06
C ARG A 32 -6.81 -33.25 13.98
N THR A 33 -5.77 -33.85 13.40
CA THR A 33 -4.65 -34.38 14.17
C THR A 33 -4.01 -33.26 15.00
N LEU A 34 -3.69 -32.15 14.32
CA LEU A 34 -2.98 -31.04 14.95
C LEU A 34 -3.80 -30.39 16.07
N GLN A 35 -5.12 -30.34 15.90
CA GLN A 35 -6.00 -29.78 16.92
C GLN A 35 -6.08 -30.71 18.13
N GLU A 36 -6.16 -32.01 17.87
CA GLU A 36 -6.24 -32.99 18.94
C GLU A 36 -4.95 -33.06 19.75
N GLN A 37 -3.84 -32.67 19.13
CA GLN A 37 -2.56 -32.63 19.82
C GLN A 37 -2.37 -31.30 20.53
N GLY A 38 -3.21 -30.33 20.21
CA GLY A 38 -3.21 -29.06 20.90
C GLY A 38 -2.33 -28.00 20.26
N GLN A 39 -1.67 -28.36 19.16
CA GLN A 39 -0.77 -27.44 18.48
C GLN A 39 -1.56 -26.45 17.61
N TRP A 40 -2.66 -26.92 17.04
CA TRP A 40 -3.59 -26.04 16.33
C TRP A 40 -4.74 -25.74 17.27
N ARG A 41 -4.59 -24.68 18.06
CA ARG A 41 -5.49 -24.44 19.19
C ARG A 41 -6.87 -23.93 18.74
N TYR A 42 -6.88 -22.91 17.89
CA TYR A 42 -8.13 -22.35 17.39
C TYR A 42 -8.14 -22.30 15.87
N LEU A 43 -9.32 -22.46 15.30
CA LEU A 43 -9.49 -22.43 13.85
C LEU A 43 -10.85 -21.85 13.51
N TRP A 44 -10.85 -20.73 12.80
CA TRP A 44 -12.09 -20.09 12.37
C TRP A 44 -12.06 -19.83 10.88
N ARG A 45 -13.23 -19.93 10.24
CA ARG A 45 -13.36 -19.56 8.83
C ARG A 45 -13.38 -18.04 8.69
N THR A 46 -12.59 -17.54 7.75
CA THR A 46 -12.67 -16.13 7.36
C THR A 46 -13.90 -15.94 6.49
N THR A 47 -14.92 -15.29 7.05
CA THR A 47 -16.22 -15.19 6.39
C THR A 47 -16.13 -14.63 4.97
N GLY A 48 -16.83 -15.28 4.05
CA GLY A 48 -16.80 -14.91 2.64
C GLY A 48 -15.54 -15.29 1.87
N LYS A 49 -14.60 -15.95 2.53
CA LYS A 49 -13.32 -16.25 1.90
C LYS A 49 -12.88 -17.71 2.05
N TYR A 50 -12.05 -18.15 1.11
CA TYR A 50 -11.46 -19.48 1.15
C TYR A 50 -10.18 -19.43 1.98
N GLY A 51 -10.33 -19.69 3.28
CA GLY A 51 -9.20 -19.63 4.18
C GLY A 51 -9.62 -19.63 5.64
N ASN A 52 -8.72 -19.25 6.52
CA ASN A 52 -8.99 -19.28 7.95
C ASN A 52 -8.15 -18.30 8.75
N ILE A 53 -8.56 -18.11 10.01
CA ILE A 53 -7.74 -17.45 11.00
C ILE A 53 -7.48 -18.48 12.09
N SER A 54 -6.22 -18.62 12.49
CA SER A 54 -5.85 -19.70 13.40
C SER A 54 -4.92 -19.21 14.51
N VAL A 55 -4.97 -19.91 15.63
CA VAL A 55 -4.01 -19.72 16.70
C VAL A 55 -3.29 -21.03 16.94
N PHE A 56 -1.97 -21.02 16.78
CA PHE A 56 -1.16 -22.20 17.02
C PHE A 56 -0.44 -22.07 18.35
N ASP A 57 -0.21 -23.21 19.01
CA ASP A 57 0.46 -23.24 20.30
C ASP A 57 1.57 -24.26 20.24
N VAL A 58 2.79 -23.79 19.99
CA VAL A 58 3.94 -24.68 19.82
C VAL A 58 5.14 -24.12 20.56
N ASN A 59 6.25 -24.86 20.54
CA ASN A 59 7.41 -24.51 21.37
C ASN A 59 8.47 -23.65 20.69
N SER A 60 8.35 -23.44 19.38
CA SER A 60 9.35 -22.64 18.67
C SER A 60 8.89 -22.24 17.27
N HIS A 61 9.61 -21.30 16.68
CA HIS A 61 9.34 -20.87 15.32
C HIS A 61 9.52 -22.06 14.38
N ASP A 62 10.54 -22.86 14.64
CA ASP A 62 10.85 -24.01 13.81
C ASP A 62 9.73 -25.05 13.84
N GLU A 63 9.12 -25.26 15.00
CA GLU A 63 7.98 -26.18 15.09
C GLU A 63 6.81 -25.67 14.27
N LEU A 64 6.50 -24.39 14.39
CA LEU A 64 5.41 -23.82 13.59
C LEU A 64 5.69 -23.95 12.10
N HIS A 65 6.91 -23.62 11.67
CA HIS A 65 7.23 -23.67 10.24
C HIS A 65 7.07 -25.07 9.68
N GLU A 66 7.60 -26.07 10.37
CA GLU A 66 7.49 -27.45 9.91
C GLU A 66 6.03 -27.84 9.72
N ILE A 67 5.18 -27.41 10.64
CA ILE A 67 3.75 -27.69 10.57
C ILE A 67 3.13 -27.02 9.35
N LEU A 68 3.31 -25.71 9.25
CA LEU A 68 2.76 -24.94 8.14
C LEU A 68 3.26 -25.49 6.80
N TRP A 69 4.54 -25.81 6.75
CA TRP A 69 5.18 -26.28 5.53
C TRP A 69 4.53 -27.56 5.02
N SER A 70 4.02 -28.38 5.94
CA SER A 70 3.51 -29.70 5.60
C SER A 70 2.00 -29.72 5.35
N LEU A 71 1.32 -28.60 5.59
CA LEU A 71 -0.11 -28.54 5.34
C LEU A 71 -0.40 -28.82 3.87
N PRO A 72 -1.39 -29.68 3.60
CA PRO A 72 -1.75 -30.01 2.22
C PRO A 72 -1.95 -28.79 1.32
N PHE A 73 -2.58 -27.74 1.83
CA PHE A 73 -2.86 -26.55 1.02
C PHE A 73 -1.67 -25.62 0.86
N PHE A 74 -0.55 -25.91 1.53
CA PHE A 74 0.54 -24.95 1.64
C PHE A 74 0.96 -24.31 0.30
N PRO A 75 1.19 -25.11 -0.74
CA PRO A 75 1.65 -24.50 -2.00
C PRO A 75 0.65 -23.49 -2.59
N TYR A 76 -0.58 -23.47 -2.10
CA TYR A 76 -1.58 -22.54 -2.60
C TYR A 76 -1.98 -21.50 -1.56
N LEU A 77 -1.25 -21.45 -0.46
CA LEU A 77 -1.59 -20.54 0.64
C LEU A 77 -0.78 -19.25 0.63
N THR A 78 -1.47 -18.16 0.94
CA THR A 78 -0.81 -16.92 1.34
C THR A 78 -0.92 -16.86 2.86
N ILE A 79 0.22 -16.82 3.53
CA ILE A 79 0.25 -16.98 4.98
C ILE A 79 0.84 -15.78 5.71
N ASP A 80 0.12 -15.32 6.73
CA ASP A 80 0.61 -14.26 7.59
CA ASP A 80 0.61 -14.26 7.60
C ASP A 80 0.78 -14.81 9.02
N VAL A 81 1.97 -14.62 9.57
CA VAL A 81 2.28 -15.10 10.91
C VAL A 81 2.66 -13.94 11.81
N GLU A 82 2.08 -13.90 13.01
CA GLU A 82 2.52 -12.93 14.01
C GLU A 82 2.43 -13.54 15.40
N PRO A 83 3.48 -13.34 16.21
CA PRO A 83 3.49 -13.84 17.58
C PRO A 83 2.51 -13.12 18.49
N LEU A 84 1.94 -13.86 19.43
CA LEU A 84 1.03 -13.28 20.42
C LEU A 84 1.67 -13.40 21.81
N SER A 85 1.42 -12.40 22.64
CA SER A 85 1.94 -12.39 24.01
C SER A 85 0.79 -12.37 24.99
N HIS A 86 1.06 -12.77 26.23
CA HIS A 86 0.05 -12.70 27.27
C HIS A 86 -0.26 -11.24 27.60
N HIS A 87 -1.54 -10.93 27.67
CA HIS A 87 -1.99 -9.57 27.96
C HIS A 87 -2.17 -9.42 29.47
N PRO A 88 -1.66 -8.33 30.04
CA PRO A 88 -1.80 -8.08 31.49
C PRO A 88 -3.25 -8.12 31.96
N ALA A 89 -4.12 -7.44 31.23
CA ALA A 89 -5.54 -7.38 31.55
C ALA A 89 -6.32 -8.66 31.23
N ARG A 90 -5.63 -9.74 30.88
CA ARG A 90 -6.30 -11.00 30.55
C ARG A 90 -6.85 -11.69 31.79
N VAL A 91 -8.10 -12.14 31.71
CA VAL A 91 -8.71 -12.93 32.76
C VAL A 91 -8.83 -14.38 32.31
N GLY A 92 -7.92 -15.22 32.77
CA GLY A 92 -7.89 -16.62 32.40
C GLY A 92 -6.52 -17.06 31.92
N MET B 1 15.09 -18.38 20.60
CA MET B 1 14.70 -18.41 19.16
C MET B 1 14.82 -17.02 18.54
N LEU B 2 14.87 -16.96 17.22
CA LEU B 2 15.26 -15.74 16.53
C LEU B 2 14.08 -14.92 16.03
N TYR B 3 14.17 -13.61 16.26
CA TYR B 3 13.19 -12.66 15.73
C TYR B 3 13.91 -11.55 14.98
N LEU B 4 13.46 -11.27 13.76
CA LEU B 4 13.94 -10.10 13.04
C LEU B 4 13.12 -8.89 13.50
N VAL B 5 13.79 -7.89 14.04
CA VAL B 5 13.10 -6.72 14.58
C VAL B 5 13.61 -5.43 13.95
N ARG B 6 12.70 -4.72 13.29
CA ARG B 6 13.03 -3.42 12.71
C ARG B 6 12.52 -2.32 13.63
N MET B 7 13.38 -1.36 13.93
CA MET B 7 13.00 -0.23 14.77
C MET B 7 13.25 1.08 14.02
N THR B 8 12.25 1.95 14.00
CA THR B 8 12.40 3.26 13.40
C THR B 8 12.03 4.33 14.42
N VAL B 9 12.90 5.31 14.58
CA VAL B 9 12.72 6.36 15.58
C VAL B 9 12.04 7.59 15.02
N ASN B 10 11.02 8.07 15.73
CA ASN B 10 10.39 9.35 15.41
C ASN B 10 10.30 10.22 16.66
N LEU B 11 11.29 11.09 16.84
CA LEU B 11 11.36 11.92 18.03
C LEU B 11 10.32 13.03 18.00
N PRO B 12 9.68 13.30 19.14
CA PRO B 12 8.78 14.46 19.21
C PRO B 12 9.56 15.77 19.06
N ARG B 13 8.87 16.83 18.64
CA ARG B 13 9.53 18.09 18.35
C ARG B 13 10.11 18.76 19.60
N ASN B 14 9.56 18.44 20.76
CA ASN B 14 9.94 19.11 22.00
C ASN B 14 11.03 18.38 22.79
N LEU B 15 11.64 17.37 22.17
CA LEU B 15 12.75 16.67 22.81
C LEU B 15 14.07 17.28 22.32
N ASP B 16 14.67 18.12 23.16
CA ASP B 16 15.83 18.91 22.74
C ASP B 16 17.13 18.10 22.79
N PRO B 17 18.19 18.62 22.12
CA PRO B 17 19.49 17.95 21.99
C PRO B 17 20.09 17.41 23.29
N ARG B 18 20.02 18.17 24.39
CA ARG B 18 20.57 17.70 25.66
C ARG B 18 19.83 16.45 26.13
N GLU B 19 18.51 16.44 25.97
CA GLU B 19 17.71 15.29 26.38
C GLU B 19 17.91 14.10 25.45
N GLU B 20 18.06 14.38 24.16
CA GLU B 20 18.29 13.33 23.19
C GLU B 20 19.62 12.65 23.47
N GLU B 21 20.62 13.46 23.80
CA GLU B 21 21.94 12.94 24.14
C GLU B 21 21.86 11.93 25.28
N ARG B 22 21.10 12.28 26.32
CA ARG B 22 20.95 11.40 27.48
C ARG B 22 20.17 10.14 27.11
N LEU B 23 19.22 10.29 26.20
CA LEU B 23 18.43 9.16 25.74
C LEU B 23 19.31 8.16 25.01
N LYS B 24 20.20 8.65 24.15
CA LYS B 24 21.13 7.80 23.44
C LYS B 24 22.03 7.05 24.41
N ALA B 25 22.51 7.75 25.43
CA ALA B 25 23.39 7.14 26.42
C ALA B 25 22.65 6.01 27.14
N SER B 26 21.42 6.29 27.54
CA SER B 26 20.59 5.29 28.21
C SER B 26 20.34 4.10 27.29
N ALA B 27 19.95 4.37 26.05
CA ALA B 27 19.68 3.32 25.08
C ALA B 27 20.93 2.46 24.85
N LYS B 28 22.08 3.11 24.73
CA LYS B 28 23.32 2.41 24.45
C LYS B 28 23.71 1.45 25.58
N ALA B 29 23.46 1.86 26.81
CA ALA B 29 23.79 1.03 27.97
C ALA B 29 22.85 -0.17 28.07
N ARG B 30 21.57 0.07 27.79
CA ARG B 30 20.58 -0.98 27.87
C ARG B 30 20.82 -2.05 26.80
N SER B 31 21.21 -1.62 25.60
CA SER B 31 21.45 -2.58 24.52
C SER B 31 22.78 -3.31 24.73
N ARG B 32 23.73 -2.66 25.40
CA ARG B 32 24.99 -3.32 25.74
C ARG B 32 24.70 -4.55 26.60
N THR B 33 23.90 -4.35 27.64
CA THR B 33 23.54 -5.43 28.56
C THR B 33 22.89 -6.59 27.80
N LEU B 34 21.95 -6.25 26.92
CA LEU B 34 21.19 -7.28 26.20
C LEU B 34 22.03 -8.00 25.15
N GLN B 35 23.00 -7.29 24.55
CA GLN B 35 23.91 -7.92 23.61
C GLN B 35 24.90 -8.83 24.33
N GLU B 36 25.43 -8.34 25.45
CA GLU B 36 26.35 -9.12 26.26
C GLU B 36 25.69 -10.40 26.76
N GLN B 37 24.42 -10.31 27.11
CA GLN B 37 23.68 -11.46 27.63
C GLN B 37 23.19 -12.38 26.52
N GLY B 38 23.26 -11.91 25.27
CA GLY B 38 22.98 -12.75 24.12
C GLY B 38 21.57 -12.61 23.57
N GLN B 39 20.73 -11.85 24.25
CA GLN B 39 19.35 -11.68 23.82
C GLN B 39 19.25 -10.78 22.59
N TRP B 40 20.12 -9.77 22.53
CA TRP B 40 20.24 -8.92 21.36
C TRP B 40 21.43 -9.44 20.54
N ARG B 41 21.17 -10.38 19.64
CA ARG B 41 22.23 -11.10 18.96
C ARG B 41 22.94 -10.26 17.90
N TYR B 42 22.17 -9.64 17.02
CA TYR B 42 22.75 -8.76 16.00
C TYR B 42 22.08 -7.40 16.01
N LEU B 43 22.88 -6.36 15.79
CA LEU B 43 22.41 -5.00 15.73
C LEU B 43 23.10 -4.26 14.59
N TRP B 44 22.29 -3.71 13.69
CA TRP B 44 22.83 -2.95 12.57
C TRP B 44 22.09 -1.63 12.42
N ARG B 45 22.79 -0.64 11.90
CA ARG B 45 22.17 0.64 11.57
C ARG B 45 21.48 0.54 10.22
N THR B 46 20.26 1.07 10.15
CA THR B 46 19.57 1.17 8.88
C THR B 46 20.14 2.37 8.13
N THR B 47 20.92 2.11 7.10
CA THR B 47 21.67 3.15 6.41
C THR B 47 20.77 4.31 5.99
N GLY B 48 21.18 5.53 6.33
CA GLY B 48 20.40 6.73 6.06
C GLY B 48 19.19 6.96 6.95
N LYS B 49 19.03 6.15 7.99
CA LYS B 49 17.83 6.27 8.83
C LYS B 49 18.12 6.22 10.33
N TYR B 50 17.29 6.92 11.09
CA TYR B 50 17.37 6.92 12.54
C TYR B 50 16.65 5.68 13.07
N GLY B 51 17.41 4.62 13.27
CA GLY B 51 16.84 3.37 13.74
C GLY B 51 17.78 2.21 13.47
N ASN B 52 17.26 0.99 13.59
CA ASN B 52 18.08 -0.19 13.43
C ASN B 52 17.30 -1.39 12.91
N ILE B 53 18.05 -2.39 12.45
CA ILE B 53 17.49 -3.69 12.12
C ILE B 53 18.28 -4.71 12.93
N SER B 54 17.56 -5.54 13.68
CA SER B 54 18.17 -6.39 14.70
C SER B 54 17.67 -7.82 14.63
N VAL B 55 18.48 -8.73 15.15
CA VAL B 55 18.03 -10.08 15.41
C VAL B 55 18.09 -10.34 16.91
N PHE B 56 16.95 -10.66 17.50
CA PHE B 56 16.91 -11.01 18.91
C PHE B 56 16.84 -12.53 19.06
N ASP B 57 17.45 -13.02 20.13
CA ASP B 57 17.45 -14.44 20.43
C ASP B 57 16.92 -14.61 21.84
N VAL B 58 15.62 -14.84 21.96
CA VAL B 58 14.97 -14.95 23.27
C VAL B 58 14.06 -16.17 23.31
N ASN B 59 13.65 -16.55 24.51
CA ASN B 59 13.01 -17.84 24.71
C ASN B 59 11.48 -17.84 24.54
N SER B 60 10.87 -16.67 24.44
CA SER B 60 9.41 -16.60 24.28
C SER B 60 8.96 -15.24 23.76
N HIS B 61 7.72 -15.20 23.25
CA HIS B 61 7.13 -13.95 22.80
C HIS B 61 7.02 -12.98 23.97
N ASP B 62 6.57 -13.50 25.12
CA ASP B 62 6.39 -12.69 26.31
C ASP B 62 7.71 -12.04 26.69
N GLU B 63 8.78 -12.80 26.58
CA GLU B 63 10.12 -12.33 26.91
C GLU B 63 10.54 -11.20 25.97
N LEU B 64 10.30 -11.36 24.68
CA LEU B 64 10.64 -10.34 23.70
C LEU B 64 9.84 -9.07 23.96
N HIS B 65 8.55 -9.23 24.23
CA HIS B 65 7.68 -8.08 24.45
C HIS B 65 8.20 -7.20 25.60
N GLU B 66 8.49 -7.82 26.74
CA GLU B 66 8.95 -7.07 27.90
C GLU B 66 10.28 -6.37 27.63
N ILE B 67 11.16 -7.02 26.88
CA ILE B 67 12.44 -6.43 26.52
C ILE B 67 12.22 -5.17 25.67
N LEU B 68 11.44 -5.31 24.60
CA LEU B 68 11.16 -4.19 23.72
C LEU B 68 10.45 -3.07 24.48
N TRP B 69 9.49 -3.45 25.32
CA TRP B 69 8.72 -2.48 26.10
C TRP B 69 9.63 -1.64 26.99
N SER B 70 10.75 -2.21 27.41
CA SER B 70 11.64 -1.55 28.37
C SER B 70 12.73 -0.71 27.69
N LEU B 71 12.81 -0.77 26.37
CA LEU B 71 13.80 0.02 25.65
C LEU B 71 13.52 1.50 25.82
N PRO B 72 14.54 2.29 26.17
CA PRO B 72 14.37 3.73 26.37
C PRO B 72 13.72 4.46 25.18
N PHE B 73 13.99 4.01 23.97
CA PHE B 73 13.42 4.64 22.78
C PHE B 73 11.99 4.17 22.50
N PHE B 74 11.53 3.14 23.20
CA PHE B 74 10.27 2.49 22.86
C PHE B 74 9.13 3.45 22.54
N PRO B 75 8.93 4.48 23.37
CA PRO B 75 7.81 5.40 23.13
C PRO B 75 7.86 6.11 21.78
N TYR B 76 9.03 6.13 21.17
CA TYR B 76 9.24 6.84 19.90
C TYR B 76 9.50 5.87 18.75
N LEU B 77 9.25 4.59 18.98
CA LEU B 77 9.60 3.57 18.01
C LEU B 77 8.41 3.05 17.23
N THR B 78 8.62 2.87 15.93
CA THR B 78 7.76 2.01 15.13
C THR B 78 8.48 0.67 15.02
N ILE B 79 7.80 -0.39 15.40
CA ILE B 79 8.44 -1.70 15.52
C ILE B 79 7.77 -2.77 14.68
N ASP B 80 8.58 -3.53 13.96
CA ASP B 80 8.11 -4.69 13.21
CA ASP B 80 8.11 -4.68 13.22
C ASP B 80 8.79 -5.93 13.75
N VAL B 81 8.00 -6.94 14.12
CA VAL B 81 8.53 -8.18 14.65
C VAL B 81 8.21 -9.32 13.71
N GLU B 82 9.20 -10.18 13.49
CA GLU B 82 9.08 -11.23 12.48
C GLU B 82 9.88 -12.45 12.91
N PRO B 83 9.21 -13.58 13.13
CA PRO B 83 9.92 -14.80 13.53
C PRO B 83 10.82 -15.35 12.43
N LEU B 84 11.97 -15.88 12.83
CA LEU B 84 12.89 -16.52 11.90
C LEU B 84 13.06 -17.98 12.28
N SER B 85 13.29 -18.82 11.28
CA SER B 85 13.47 -20.24 11.50
C SER B 85 14.79 -20.72 10.91
N HIS B 86 15.23 -21.90 11.33
CA HIS B 86 16.40 -22.51 10.74
C HIS B 86 16.11 -22.89 9.30
N HIS B 87 17.05 -22.55 8.42
CA HIS B 87 16.91 -22.82 7.00
C HIS B 87 17.62 -24.14 6.67
N PRO B 88 16.94 -25.03 5.93
CA PRO B 88 17.52 -26.35 5.61
C PRO B 88 18.83 -26.27 4.83
N ALA B 89 18.93 -25.33 3.91
CA ALA B 89 20.17 -25.10 3.16
C ALA B 89 21.25 -24.36 3.97
N ARG B 90 20.99 -24.07 5.24
CA ARG B 90 21.96 -23.35 6.06
C ARG B 90 23.20 -24.19 6.33
N VAL B 91 24.37 -23.62 6.03
CA VAL B 91 25.64 -24.23 6.40
C VAL B 91 26.34 -23.32 7.40
N GLY B 92 26.59 -23.84 8.59
CA GLY B 92 27.16 -23.05 9.68
C GLY B 92 26.14 -22.76 10.76
N LYS B 93 26.36 -21.69 11.51
CA LYS B 93 25.52 -21.36 12.65
C LYS B 93 24.50 -20.27 12.31
N ASP B 94 23.48 -20.13 13.16
CA ASP B 94 22.45 -19.12 12.94
C ASP B 94 22.82 -17.81 13.64
N MET C 1 31.18 -5.43 2.94
CA MET C 1 29.95 -4.66 3.28
C MET C 1 28.75 -5.60 3.41
N LEU C 2 27.85 -5.26 4.32
CA LEU C 2 26.72 -6.12 4.61
C LEU C 2 25.45 -5.62 3.95
N TYR C 3 24.64 -6.56 3.45
CA TYR C 3 23.34 -6.26 2.86
C TYR C 3 22.30 -7.21 3.43
N LEU C 4 21.18 -6.67 3.86
CA LEU C 4 20.04 -7.51 4.24
C LEU C 4 19.21 -7.78 3.00
N VAL C 5 19.14 -9.04 2.60
CA VAL C 5 18.39 -9.41 1.40
C VAL C 5 17.24 -10.33 1.74
N ARG C 6 16.02 -9.90 1.40
CA ARG C 6 14.84 -10.73 1.56
C ARG C 6 14.49 -11.36 0.23
N MET C 7 14.25 -12.67 0.24
CA MET C 7 13.87 -13.38 -0.97
C MET C 7 12.55 -14.11 -0.76
N THR C 8 11.63 -13.94 -1.71
CA THR C 8 10.35 -14.61 -1.66
C THR C 8 10.14 -15.41 -2.94
N VAL C 9 9.86 -16.69 -2.79
CA VAL C 9 9.70 -17.57 -3.95
C VAL C 9 8.25 -17.56 -4.42
N ASN C 10 8.07 -17.39 -5.73
CA ASN C 10 6.75 -17.44 -6.35
C ASN C 10 6.74 -18.41 -7.52
N LEU C 11 6.51 -19.69 -7.23
CA LEU C 11 6.57 -20.72 -8.26
C LEU C 11 5.41 -20.60 -9.25
N PRO C 12 5.71 -20.80 -10.54
CA PRO C 12 4.68 -20.92 -11.58
C PRO C 12 3.77 -22.11 -11.30
N ARG C 13 2.49 -21.98 -11.62
CA ARG C 13 1.53 -23.04 -11.30
C ARG C 13 1.81 -24.32 -12.08
N ASN C 14 2.49 -24.20 -13.21
CA ASN C 14 2.77 -25.35 -14.06
C ASN C 14 4.13 -25.99 -13.77
N LEU C 15 4.77 -25.56 -12.69
CA LEU C 15 6.06 -26.14 -12.30
C LEU C 15 5.83 -27.34 -11.38
N ASP C 16 5.92 -28.54 -11.96
CA ASP C 16 5.65 -29.76 -11.21
C ASP C 16 6.64 -29.97 -10.08
N PRO C 17 6.22 -30.69 -9.02
CA PRO C 17 7.03 -30.95 -7.83
C PRO C 17 8.42 -31.51 -8.13
N ARG C 18 8.53 -32.35 -9.15
CA ARG C 18 9.81 -32.94 -9.51
C ARG C 18 10.80 -31.87 -9.95
N GLU C 19 10.32 -30.92 -10.76
CA GLU C 19 11.15 -29.82 -11.23
C GLU C 19 11.50 -28.92 -10.06
N GLU C 20 10.56 -28.75 -9.13
CA GLU C 20 10.78 -27.92 -7.95
C GLU C 20 11.89 -28.51 -7.08
N GLU C 21 11.86 -29.82 -6.90
CA GLU C 21 12.87 -30.50 -6.08
C GLU C 21 14.23 -30.46 -6.76
N ARG C 22 14.24 -30.54 -8.09
CA ARG C 22 15.47 -30.43 -8.85
C ARG C 22 16.07 -29.05 -8.63
N LEU C 23 15.20 -28.04 -8.62
CA LEU C 23 15.62 -26.67 -8.43
C LEU C 23 16.14 -26.45 -7.01
N LYS C 24 15.44 -27.02 -6.03
CA LYS C 24 15.89 -26.94 -4.64
C LYS C 24 17.29 -27.51 -4.47
N ALA C 25 17.57 -28.60 -5.18
CA ALA C 25 18.87 -29.25 -5.10
C ALA C 25 19.97 -28.32 -5.61
N SER C 26 19.73 -27.69 -6.76
CA SER C 26 20.70 -26.75 -7.33
C SER C 26 20.88 -25.55 -6.41
N ALA C 27 19.78 -25.06 -5.85
CA ALA C 27 19.82 -23.91 -4.96
C ALA C 27 20.61 -24.22 -3.69
N LYS C 28 20.36 -25.38 -3.13
CA LYS C 28 21.04 -25.81 -1.91
C LYS C 28 22.54 -25.92 -2.16
N ALA C 29 22.90 -26.47 -3.31
CA ALA C 29 24.30 -26.65 -3.68
C ALA C 29 24.97 -25.30 -3.95
N ARG C 30 24.26 -24.42 -4.65
CA ARG C 30 24.79 -23.11 -4.97
C ARG C 30 24.99 -22.26 -3.72
N SER C 31 24.04 -22.33 -2.79
CA SER C 31 24.13 -21.54 -1.56
C SER C 31 25.20 -22.10 -0.63
N ARG C 32 25.42 -23.41 -0.67
CA ARG C 32 26.47 -24.02 0.15
C ARG C 32 27.82 -23.40 -0.20
N THR C 33 28.06 -23.25 -1.50
CA THR C 33 29.31 -22.70 -1.98
C THR C 33 29.51 -21.27 -1.47
N LEU C 34 28.48 -20.45 -1.63
CA LEU C 34 28.55 -19.05 -1.24
C LEU C 34 28.70 -18.87 0.27
N GLN C 35 28.03 -19.72 1.03
CA GLN C 35 28.13 -19.67 2.49
C GLN C 35 29.52 -20.10 2.95
N GLU C 36 30.08 -21.12 2.30
CA GLU C 36 31.40 -21.60 2.65
C GLU C 36 32.45 -20.52 2.37
N GLN C 37 32.29 -19.81 1.25
CA GLN C 37 33.22 -18.76 0.86
C GLN C 37 33.01 -17.48 1.66
N GLY C 38 31.88 -17.38 2.36
CA GLY C 38 31.63 -16.26 3.27
C GLY C 38 30.77 -15.14 2.73
N GLN C 39 30.52 -15.12 1.42
CA GLN C 39 29.72 -14.06 0.82
C GLN C 39 28.27 -14.11 1.30
N TRP C 40 27.76 -15.31 1.51
CA TRP C 40 26.44 -15.50 2.08
C TRP C 40 26.59 -15.73 3.58
N ARG C 41 26.62 -14.64 4.34
CA ARG C 41 27.00 -14.70 5.75
C ARG C 41 25.95 -15.39 6.61
N TYR C 42 24.71 -14.90 6.55
CA TYR C 42 23.63 -15.50 7.31
C TYR C 42 22.46 -15.89 6.41
N LEU C 43 21.73 -16.92 6.82
CA LEU C 43 20.60 -17.42 6.06
C LEU C 43 19.57 -17.99 7.01
N TRP C 44 18.40 -17.37 7.05
CA TRP C 44 17.32 -17.84 7.90
C TRP C 44 16.05 -18.05 7.07
N ARG C 45 15.20 -18.96 7.53
CA ARG C 45 13.91 -19.18 6.91
C ARG C 45 12.91 -18.17 7.47
N THR C 46 12.09 -17.60 6.58
CA THR C 46 10.97 -16.77 7.02
C THR C 46 9.83 -17.70 7.42
N THR C 47 9.58 -17.79 8.73
CA THR C 47 8.60 -18.75 9.27
C THR C 47 7.25 -18.68 8.56
N GLY C 48 6.74 -19.84 8.16
CA GLY C 48 5.49 -19.93 7.42
C GLY C 48 5.55 -19.56 5.95
N LYS C 49 6.73 -19.23 5.43
CA LYS C 49 6.82 -18.71 4.06
C LYS C 49 7.94 -19.34 3.23
N TYR C 50 7.71 -19.41 1.92
CA TYR C 50 8.68 -19.95 0.98
C TYR C 50 9.64 -18.82 0.57
N GLY C 51 10.71 -18.69 1.33
CA GLY C 51 11.67 -17.62 1.11
C GLY C 51 12.62 -17.53 2.29
N ASN C 52 13.47 -16.51 2.29
CA ASN C 52 14.47 -16.37 3.32
C ASN C 52 14.82 -14.92 3.63
N ILE C 53 15.43 -14.72 4.79
CA ILE C 53 16.09 -13.45 5.11
C ILE C 53 17.57 -13.75 5.19
N SER C 54 18.37 -13.04 4.41
CA SER C 54 19.78 -13.30 4.34
C SER C 54 20.61 -12.05 4.60
N VAL C 55 21.85 -12.25 5.04
CA VAL C 55 22.82 -11.18 5.09
C VAL C 55 23.98 -11.56 4.19
N PHE C 56 24.27 -10.72 3.21
CA PHE C 56 25.39 -10.97 2.31
C PHE C 56 26.55 -10.06 2.66
N ASP C 57 27.76 -10.62 2.58
CA ASP C 57 28.98 -9.90 2.90
C ASP C 57 29.87 -9.86 1.67
N VAL C 58 29.79 -8.77 0.91
CA VAL C 58 30.53 -8.65 -0.34
C VAL C 58 31.12 -7.25 -0.44
N ASN C 59 31.97 -7.05 -1.45
CA ASN C 59 32.77 -5.83 -1.51
C ASN C 59 32.25 -4.76 -2.49
N SER C 60 31.12 -5.03 -3.14
CA SER C 60 30.51 -4.02 -4.00
C SER C 60 29.08 -4.38 -4.38
N HIS C 61 28.35 -3.40 -4.88
CA HIS C 61 27.00 -3.62 -5.39
C HIS C 61 27.07 -4.58 -6.59
N ASP C 62 28.03 -4.35 -7.48
CA ASP C 62 28.21 -5.18 -8.66
C ASP C 62 28.34 -6.64 -8.29
N GLU C 63 29.11 -6.92 -7.25
CA GLU C 63 29.37 -8.28 -6.80
C GLU C 63 28.10 -8.92 -6.27
N LEU C 64 27.33 -8.15 -5.50
CA LEU C 64 26.06 -8.65 -4.96
C LEU C 64 25.11 -9.01 -6.08
N HIS C 65 24.98 -8.14 -7.07
CA HIS C 65 24.06 -8.38 -8.18
C HIS C 65 24.46 -9.65 -8.92
N GLU C 66 25.76 -9.79 -9.20
CA GLU C 66 26.27 -10.96 -9.90
C GLU C 66 25.83 -12.24 -9.18
N ILE C 67 25.97 -12.24 -7.86
CA ILE C 67 25.61 -13.40 -7.06
C ILE C 67 24.11 -13.70 -7.12
N LEU C 68 23.29 -12.68 -6.85
CA LEU C 68 21.85 -12.86 -6.86
C LEU C 68 21.36 -13.33 -8.22
N TRP C 69 21.96 -12.78 -9.27
CA TRP C 69 21.60 -13.09 -10.65
C TRP C 69 21.82 -14.57 -10.97
N SER C 70 22.82 -15.18 -10.32
CA SER C 70 23.20 -16.56 -10.61
C SER C 70 22.40 -17.58 -9.82
N LEU C 71 21.60 -17.12 -8.85
CA LEU C 71 20.82 -18.02 -8.02
C LEU C 71 19.81 -18.80 -8.86
N PRO C 72 19.76 -20.14 -8.68
CA PRO C 72 18.83 -20.99 -9.44
C PRO C 72 17.38 -20.52 -9.35
N PHE C 73 16.98 -19.98 -8.21
CA PHE C 73 15.60 -19.55 -8.02
C PHE C 73 15.33 -18.15 -8.56
N PHE C 74 16.36 -17.47 -9.04
CA PHE C 74 16.25 -16.06 -9.40
C PHE C 74 15.02 -15.72 -10.24
N PRO C 75 14.72 -16.55 -11.25
CA PRO C 75 13.57 -16.26 -12.12
C PRO C 75 12.24 -16.18 -11.37
N TYR C 76 12.18 -16.79 -10.19
CA TYR C 76 10.93 -16.87 -9.45
C TYR C 76 10.99 -16.12 -8.13
N LEU C 77 12.02 -15.30 -7.96
CA LEU C 77 12.21 -14.56 -6.72
C LEU C 77 11.72 -13.13 -6.80
N THR C 78 11.18 -12.65 -5.69
CA THR C 78 11.02 -11.22 -5.46
C THR C 78 12.09 -10.88 -4.44
N ILE C 79 12.93 -9.89 -4.77
CA ILE C 79 14.10 -9.60 -3.95
C ILE C 79 14.16 -8.16 -3.48
N ASP C 80 14.36 -7.98 -2.17
CA ASP C 80 14.52 -6.66 -1.59
CA ASP C 80 14.53 -6.66 -1.60
C ASP C 80 15.92 -6.53 -1.00
N VAL C 81 16.69 -5.56 -1.50
CA VAL C 81 18.06 -5.35 -1.06
C VAL C 81 18.17 -4.09 -0.21
N GLU C 82 18.91 -4.18 0.88
CA GLU C 82 18.99 -3.11 1.86
C GLU C 82 20.38 -3.07 2.48
N PRO C 83 21.12 -1.97 2.25
CA PRO C 83 22.46 -1.85 2.83
C PRO C 83 22.42 -1.77 4.35
N LEU C 84 23.36 -2.41 5.02
CA LEU C 84 23.46 -2.34 6.48
C LEU C 84 24.72 -1.59 6.87
N SER C 85 24.60 -0.70 7.85
CA SER C 85 25.72 0.07 8.35
C SER C 85 26.06 -0.33 9.79
N HIS C 86 27.31 -0.12 10.18
CA HIS C 86 27.72 -0.39 11.56
C HIS C 86 26.95 0.52 12.50
N HIS C 87 26.45 -0.07 13.57
CA HIS C 87 25.67 0.67 14.56
C HIS C 87 26.60 1.04 15.71
N PRO C 88 26.60 2.32 16.13
CA PRO C 88 27.52 2.81 17.17
C PRO C 88 27.38 2.09 18.51
N ALA C 89 26.15 1.72 18.86
CA ALA C 89 25.89 0.95 20.08
C ALA C 89 26.18 -0.55 19.94
N ARG C 90 26.68 -0.97 18.78
CA ARG C 90 26.96 -2.40 18.57
C ARG C 90 28.14 -2.85 19.44
N VAL C 91 27.93 -3.95 20.15
CA VAL C 91 28.97 -4.59 20.93
C VAL C 91 29.28 -5.94 20.28
N GLY C 92 30.55 -6.17 19.97
CA GLY C 92 30.94 -7.39 19.29
C GLY C 92 30.97 -7.21 17.78
N LYS C 93 30.87 -8.33 17.06
CA LYS C 93 31.07 -8.34 15.62
C LYS C 93 29.77 -8.14 14.85
N ASP C 94 29.87 -7.63 13.63
CA ASP C 94 28.71 -7.38 12.79
C ASP C 94 28.31 -8.64 12.02
N MET D 1 -22.13 -14.88 17.93
CA MET D 1 -21.30 -14.60 16.73
C MET D 1 -19.92 -14.07 17.12
N LEU D 2 -18.90 -14.56 16.42
CA LEU D 2 -17.51 -14.23 16.75
C LEU D 2 -16.97 -13.13 15.84
N TYR D 3 -16.16 -12.24 16.41
CA TYR D 3 -15.48 -11.19 15.65
C TYR D 3 -14.01 -11.15 16.02
N LEU D 4 -13.13 -11.05 15.02
CA LEU D 4 -11.72 -10.79 15.28
C LEU D 4 -11.51 -9.28 15.29
N VAL D 5 -10.98 -8.77 16.40
CA VAL D 5 -10.79 -7.34 16.55
C VAL D 5 -9.36 -7.01 16.91
N ARG D 6 -8.71 -6.20 16.08
CA ARG D 6 -7.37 -5.72 16.36
C ARG D 6 -7.43 -4.28 16.82
N MET D 7 -6.80 -3.99 17.96
CA MET D 7 -6.78 -2.64 18.50
C MET D 7 -5.34 -2.14 18.64
N THR D 8 -5.13 -0.89 18.26
CA THR D 8 -3.83 -0.26 18.40
C THR D 8 -3.98 1.01 19.23
N VAL D 9 -3.19 1.13 20.29
CA VAL D 9 -3.30 2.26 21.19
C VAL D 9 -2.28 3.34 20.87
N ASN D 10 -2.76 4.57 20.71
CA ASN D 10 -1.89 5.73 20.54
C ASN D 10 -2.25 6.84 21.51
N LEU D 11 -1.66 6.78 22.71
CA LEU D 11 -1.88 7.81 23.71
C LEU D 11 -1.03 9.03 23.39
N PRO D 12 -1.64 10.23 23.37
CA PRO D 12 -0.90 11.46 23.08
C PRO D 12 0.13 11.77 24.17
N ARG D 13 1.24 12.40 23.79
CA ARG D 13 2.31 12.68 24.73
C ARG D 13 1.91 13.75 25.75
N ASN D 14 0.93 14.57 25.38
CA ASN D 14 0.50 15.66 26.25
C ASN D 14 -0.59 15.25 27.23
N LEU D 15 -0.77 13.93 27.40
CA LEU D 15 -1.79 13.41 28.29
C LEU D 15 -1.40 13.59 29.75
N ASP D 16 -2.29 14.23 30.52
CA ASP D 16 -2.08 14.44 31.94
C ASP D 16 -1.72 13.11 32.62
N PRO D 17 -0.65 13.11 33.45
CA PRO D 17 -0.18 11.90 34.14
C PRO D 17 -1.29 11.19 34.92
N ARG D 18 -2.04 11.96 35.72
CA ARG D 18 -3.13 11.38 36.51
C ARG D 18 -4.26 10.89 35.61
N GLU D 19 -4.68 11.73 34.68
CA GLU D 19 -5.75 11.36 33.75
C GLU D 19 -5.41 10.04 33.08
N GLU D 20 -4.18 9.92 32.61
CA GLU D 20 -3.72 8.70 31.95
C GLU D 20 -3.80 7.50 32.89
N GLU D 21 -3.08 7.60 34.01
CA GLU D 21 -3.05 6.54 35.00
C GLU D 21 -4.46 6.02 35.29
N ARG D 22 -5.40 6.95 35.40
CA ARG D 22 -6.79 6.61 35.67
C ARG D 22 -7.40 5.87 34.48
N LEU D 23 -7.14 6.40 33.29
CA LEU D 23 -7.67 5.83 32.06
C LEU D 23 -7.32 4.35 31.94
N LYS D 24 -6.11 4.00 32.38
CA LYS D 24 -5.62 2.64 32.26
C LYS D 24 -6.36 1.70 33.21
N ALA D 25 -6.58 2.14 34.45
CA ALA D 25 -7.30 1.35 35.43
C ALA D 25 -8.74 1.12 34.95
N SER D 26 -9.33 2.15 34.36
CA SER D 26 -10.69 2.05 33.83
C SER D 26 -10.74 0.97 32.76
N ALA D 27 -9.80 1.01 31.83
CA ALA D 27 -9.74 0.06 30.73
C ALA D 27 -9.62 -1.37 31.25
N LYS D 28 -8.81 -1.55 32.28
CA LYS D 28 -8.58 -2.88 32.85
C LYS D 28 -9.85 -3.42 33.49
N ALA D 29 -10.56 -2.56 34.24
CA ALA D 29 -11.78 -2.98 34.93
C ALA D 29 -12.89 -3.28 33.94
N ARG D 30 -12.96 -2.49 32.87
CA ARG D 30 -13.99 -2.70 31.84
C ARG D 30 -13.75 -4.02 31.12
N SER D 31 -12.52 -4.25 30.68
CA SER D 31 -12.19 -5.50 29.98
C SER D 31 -12.36 -6.70 30.90
N ARG D 32 -12.19 -6.49 32.20
CA ARG D 32 -12.39 -7.56 33.17
C ARG D 32 -13.86 -7.98 33.19
N THR D 33 -14.75 -6.99 33.23
CA THR D 33 -16.18 -7.26 33.28
C THR D 33 -16.64 -7.95 32.00
N LEU D 34 -16.13 -7.48 30.86
CA LEU D 34 -16.54 -8.01 29.57
C LEU D 34 -16.02 -9.44 29.35
N GLN D 35 -14.85 -9.73 29.90
CA GLN D 35 -14.30 -11.08 29.82
C GLN D 35 -15.05 -12.02 30.76
N GLU D 36 -15.35 -11.52 31.96
CA GLU D 36 -16.09 -12.30 32.94
C GLU D 36 -17.48 -12.66 32.43
N GLN D 37 -18.05 -11.77 31.61
CA GLN D 37 -19.39 -11.98 31.08
C GLN D 37 -19.38 -12.86 29.82
N GLY D 38 -18.24 -12.90 29.13
CA GLY D 38 -18.09 -13.77 27.98
C GLY D 38 -18.12 -13.07 26.63
N GLN D 39 -18.42 -11.76 26.64
CA GLN D 39 -18.46 -11.00 25.39
C GLN D 39 -17.05 -10.81 24.84
N TRP D 40 -16.11 -10.53 25.72
CA TRP D 40 -14.71 -10.43 25.36
C TRP D 40 -14.07 -11.79 25.59
N ARG D 41 -14.15 -12.66 24.60
CA ARG D 41 -13.82 -14.07 24.76
C ARG D 41 -12.31 -14.33 24.87
N TYR D 42 -11.54 -13.74 23.97
CA TYR D 42 -10.08 -13.91 24.01
C TYR D 42 -9.38 -12.56 23.91
N LEU D 43 -8.23 -12.47 24.55
CA LEU D 43 -7.44 -11.24 24.56
C LEU D 43 -5.95 -11.57 24.60
N TRP D 44 -5.22 -11.10 23.60
CA TRP D 44 -3.78 -11.32 23.55
C TRP D 44 -3.04 -10.01 23.25
N ARG D 45 -1.81 -9.92 23.73
CA ARG D 45 -0.96 -8.77 23.45
C ARG D 45 -0.25 -8.94 22.11
N THR D 46 -0.30 -7.89 21.29
CA THR D 46 0.48 -7.87 20.06
C THR D 46 1.95 -7.64 20.41
N THR D 47 2.77 -8.67 20.21
CA THR D 47 4.16 -8.65 20.66
C THR D 47 4.94 -7.48 20.05
N GLY D 48 5.61 -6.72 20.91
CA GLY D 48 6.37 -5.55 20.49
C GLY D 48 5.57 -4.25 20.38
N LYS D 49 4.26 -4.31 20.59
CA LYS D 49 3.41 -3.14 20.37
C LYS D 49 2.40 -2.90 21.49
N TYR D 50 1.90 -1.67 21.57
CA TYR D 50 0.84 -1.32 22.51
C TYR D 50 -0.51 -1.53 21.83
N GLY D 51 -1.01 -2.75 21.91
CA GLY D 51 -2.29 -3.10 21.32
C GLY D 51 -2.67 -4.52 21.67
N ASN D 52 -3.73 -5.02 21.06
CA ASN D 52 -4.16 -6.39 21.30
C ASN D 52 -4.84 -7.02 20.11
N ILE D 53 -4.88 -8.34 20.12
CA ILE D 53 -5.76 -9.11 19.25
C ILE D 53 -6.84 -9.69 20.13
N SER D 54 -8.10 -9.51 19.73
CA SER D 54 -9.20 -9.99 20.55
C SER D 54 -10.20 -10.78 19.72
N VAL D 55 -10.93 -11.66 20.39
CA VAL D 55 -12.07 -12.32 19.80
C VAL D 55 -13.30 -11.99 20.64
N PHE D 56 -14.29 -11.35 20.02
CA PHE D 56 -15.51 -10.99 20.71
C PHE D 56 -16.64 -11.94 20.34
N ASP D 57 -17.49 -12.22 21.32
CA ASP D 57 -18.64 -13.10 21.13
C ASP D 57 -19.90 -12.33 21.54
N VAL D 58 -20.59 -11.78 20.55
CA VAL D 58 -21.79 -11.00 20.81
C VAL D 58 -22.93 -11.46 19.91
N ASN D 59 -24.11 -10.87 20.09
CA ASN D 59 -25.29 -11.32 19.38
C ASN D 59 -25.63 -10.50 18.13
N SER D 60 -24.89 -9.41 17.89
CA SER D 60 -25.13 -8.58 16.72
C SER D 60 -24.04 -7.55 16.50
N HIS D 61 -24.03 -6.96 15.31
CA HIS D 61 -23.08 -5.90 14.98
C HIS D 61 -23.27 -4.74 15.95
N ASP D 62 -24.52 -4.36 16.17
CA ASP D 62 -24.85 -3.24 17.05
C ASP D 62 -24.28 -3.45 18.44
N GLU D 63 -24.44 -4.66 18.98
CA GLU D 63 -23.95 -4.96 20.31
C GLU D 63 -22.44 -4.79 20.38
N LEU D 64 -21.75 -5.19 19.31
CA LEU D 64 -20.31 -5.04 19.24
C LEU D 64 -19.90 -3.56 19.18
N HIS D 65 -20.57 -2.79 18.33
CA HIS D 65 -20.22 -1.37 18.18
C HIS D 65 -20.36 -0.65 19.51
N GLU D 66 -21.46 -0.88 20.21
CA GLU D 66 -21.71 -0.22 21.48
C GLU D 66 -20.60 -0.52 22.49
N ILE D 67 -20.20 -1.79 22.55
CA ILE D 67 -19.14 -2.20 23.46
C ILE D 67 -17.83 -1.49 23.14
N LEU D 68 -17.41 -1.52 21.88
CA LEU D 68 -16.17 -0.89 21.47
C LEU D 68 -16.23 0.62 21.69
N TRP D 69 -17.35 1.22 21.28
CA TRP D 69 -17.59 2.65 21.46
C TRP D 69 -17.43 3.07 22.92
N SER D 70 -17.78 2.16 23.83
CA SER D 70 -17.79 2.47 25.26
C SER D 70 -16.41 2.31 25.91
N LEU D 71 -15.52 1.59 25.25
CA LEU D 71 -14.19 1.33 25.81
C LEU D 71 -13.52 2.64 26.19
N PRO D 72 -12.92 2.69 27.40
CA PRO D 72 -12.23 3.91 27.85
C PRO D 72 -11.18 4.41 26.86
N PHE D 73 -10.46 3.50 26.24
CA PHE D 73 -9.38 3.88 25.32
C PHE D 73 -9.88 4.28 23.93
N PHE D 74 -11.17 4.09 23.67
CA PHE D 74 -11.70 4.21 22.32
C PHE D 74 -11.17 5.42 21.54
N PRO D 75 -11.16 6.60 22.17
CA PRO D 75 -10.73 7.82 21.46
C PRO D 75 -9.28 7.74 20.96
N TYR D 76 -8.50 6.81 21.50
CA TYR D 76 -7.09 6.69 21.13
C TYR D 76 -6.81 5.38 20.40
N LEU D 77 -7.86 4.68 20.00
CA LEU D 77 -7.71 3.37 19.38
C LEU D 77 -7.83 3.43 17.87
N THR D 78 -7.03 2.61 17.20
CA THR D 78 -7.26 2.27 15.80
C THR D 78 -7.79 0.83 15.79
N ILE D 79 -8.98 0.64 15.24
CA ILE D 79 -9.68 -0.63 15.39
C ILE D 79 -10.04 -1.26 14.04
N ASP D 80 -9.74 -2.54 13.92
CA ASP D 80 -10.13 -3.33 12.74
CA ASP D 80 -10.13 -3.31 12.74
C ASP D 80 -11.03 -4.47 13.17
N VAL D 81 -12.19 -4.59 12.53
CA VAL D 81 -13.14 -5.65 12.85
C VAL D 81 -13.39 -6.54 11.63
N GLU D 82 -13.43 -7.85 11.86
CA GLU D 82 -13.82 -8.78 10.82
C GLU D 82 -14.56 -9.98 11.42
N PRO D 83 -15.64 -10.40 10.76
CA PRO D 83 -16.44 -11.54 11.24
C PRO D 83 -15.75 -12.88 11.08
N LEU D 84 -15.97 -13.77 12.03
CA LEU D 84 -15.43 -15.12 11.98
C LEU D 84 -16.57 -16.12 11.90
N SER D 85 -16.38 -17.18 11.12
CA SER D 85 -17.39 -18.22 10.95
C SER D 85 -16.87 -19.56 11.47
N HIS D 86 -17.78 -20.49 11.70
CA HIS D 86 -17.40 -21.83 12.11
C HIS D 86 -16.74 -22.57 10.94
N HIS D 87 -15.60 -23.19 11.21
CA HIS D 87 -14.87 -23.94 10.20
C HIS D 87 -15.36 -25.39 10.20
N PRO D 88 -15.64 -25.95 9.02
CA PRO D 88 -16.10 -27.34 8.92
C PRO D 88 -15.06 -28.36 9.38
N ALA D 89 -13.84 -27.91 9.62
CA ALA D 89 -12.73 -28.79 9.98
C ALA D 89 -12.39 -28.60 11.45
N ARG D 90 -13.10 -27.68 12.11
CA ARG D 90 -12.89 -27.43 13.53
C ARG D 90 -13.29 -28.65 14.35
N VAL D 91 -12.46 -29.00 15.32
CA VAL D 91 -12.75 -30.09 16.24
C VAL D 91 -13.16 -29.55 17.60
N MET E 1 15.20 18.09 -21.68
CA MET E 1 15.07 18.11 -20.20
C MET E 1 15.12 16.70 -19.64
N LEU E 2 15.26 16.60 -18.33
CA LEU E 2 15.62 15.34 -17.68
C LEU E 2 14.41 14.58 -17.15
N TYR E 3 14.49 13.24 -17.25
CA TYR E 3 13.46 12.36 -16.70
C TYR E 3 14.14 11.21 -15.96
N LEU E 4 13.68 10.93 -14.76
CA LEU E 4 14.09 9.70 -14.06
C LEU E 4 13.14 8.59 -14.45
N VAL E 5 13.68 7.52 -15.03
CA VAL E 5 12.87 6.41 -15.52
C VAL E 5 13.33 5.10 -14.91
N ARG E 6 12.42 4.42 -14.21
CA ARG E 6 12.69 3.10 -13.69
C ARG E 6 12.03 2.04 -14.56
N MET E 7 12.80 1.03 -14.95
CA MET E 7 12.26 -0.04 -15.78
C MET E 7 12.41 -1.37 -15.06
N THR E 8 11.39 -2.21 -15.13
CA THR E 8 11.44 -3.53 -14.52
C THR E 8 11.02 -4.58 -15.55
N VAL E 9 11.88 -5.58 -15.73
CA VAL E 9 11.67 -6.60 -16.75
C VAL E 9 10.94 -7.82 -16.19
N ASN E 10 9.85 -8.20 -16.86
CA ASN E 10 9.11 -9.40 -16.51
C ASN E 10 8.90 -10.27 -17.75
N LEU E 11 9.85 -11.17 -18.00
CA LEU E 11 9.80 -12.02 -19.18
C LEU E 11 8.83 -13.18 -18.97
N PRO E 12 8.12 -13.59 -20.04
CA PRO E 12 7.19 -14.72 -19.96
C PRO E 12 7.93 -16.02 -19.61
N ARG E 13 7.23 -16.94 -18.96
CA ARG E 13 7.82 -18.22 -18.56
C ARG E 13 8.60 -18.85 -19.72
N ASN E 14 7.91 -19.01 -20.86
CA ASN E 14 8.51 -19.67 -22.01
C ASN E 14 9.12 -18.65 -22.97
N LEU E 15 10.41 -18.85 -23.29
CA LEU E 15 11.12 -17.94 -24.17
C LEU E 15 12.48 -18.56 -24.51
N ASP E 16 12.70 -18.84 -25.78
CA ASP E 16 13.89 -19.58 -26.20
C ASP E 16 15.16 -18.79 -25.88
N GLU E 19 16.59 -16.35 -28.78
CA GLU E 19 15.33 -15.64 -28.71
C GLU E 19 15.34 -14.59 -27.60
N GLU E 20 15.45 -15.05 -26.36
CA GLU E 20 15.61 -14.14 -25.24
C GLU E 20 16.89 -13.34 -25.44
N GLU E 21 17.93 -14.02 -25.92
CA GLU E 21 19.20 -13.37 -26.20
C GLU E 21 19.13 -12.50 -27.43
N ARG E 22 18.12 -12.72 -28.26
CA ARG E 22 17.86 -11.85 -29.40
C ARG E 22 17.34 -10.50 -28.91
N LEU E 23 16.36 -10.55 -28.00
CA LEU E 23 15.86 -9.35 -27.37
C LEU E 23 16.99 -8.62 -26.65
N LYS E 24 17.82 -9.38 -25.94
CA LYS E 24 18.96 -8.80 -25.23
C LYS E 24 19.88 -8.09 -26.21
N ALA E 25 20.10 -8.71 -27.37
CA ALA E 25 20.99 -8.14 -28.38
C ALA E 25 20.43 -6.84 -28.92
N SER E 26 19.21 -6.89 -29.46
CA SER E 26 18.56 -5.71 -30.02
C SER E 26 18.29 -4.65 -28.96
N ALA E 27 18.17 -5.08 -27.71
CA ALA E 27 17.98 -4.14 -26.60
C ALA E 27 19.29 -3.41 -26.33
N LYS E 28 20.38 -4.16 -26.28
CA LYS E 28 21.71 -3.59 -26.07
C LYS E 28 22.06 -2.66 -27.23
N ALA E 29 21.66 -3.06 -28.43
CA ALA E 29 21.95 -2.26 -29.63
C ALA E 29 21.15 -0.96 -29.62
N ARG E 30 19.87 -1.05 -29.32
CA ARG E 30 19.00 0.13 -29.28
C ARG E 30 19.48 1.10 -28.20
N SER E 31 19.81 0.57 -27.03
CA SER E 31 20.27 1.42 -25.93
C SER E 31 21.60 2.07 -26.26
N ARG E 32 22.45 1.37 -27.02
CA ARG E 32 23.74 1.92 -27.42
C ARG E 32 23.57 3.18 -28.25
N THR E 33 22.78 3.09 -29.31
CA THR E 33 22.53 4.24 -30.18
C THR E 33 21.98 5.41 -29.38
N LEU E 34 20.98 5.14 -28.56
CA LEU E 34 20.30 6.18 -27.79
C LEU E 34 21.26 6.88 -26.81
N GLN E 35 22.25 6.14 -26.33
CA GLN E 35 23.23 6.70 -25.40
C GLN E 35 24.27 7.55 -26.14
N GLU E 36 24.69 7.07 -27.30
CA GLU E 36 25.65 7.81 -28.12
C GLU E 36 25.08 9.16 -28.52
N GLN E 37 23.82 9.15 -28.95
CA GLN E 37 23.12 10.38 -29.33
C GLN E 37 22.88 11.28 -28.12
N GLY E 38 22.81 10.68 -26.93
CA GLY E 38 22.72 11.45 -25.71
C GLY E 38 21.33 11.61 -25.14
N GLN E 39 20.36 10.88 -25.69
CA GLN E 39 18.99 10.91 -25.16
C GLN E 39 18.90 10.02 -23.93
N TRP E 40 19.56 8.87 -23.99
CA TRP E 40 19.70 7.99 -22.84
C TRP E 40 20.99 8.40 -22.13
N ARG E 41 20.86 9.30 -21.16
CA ARG E 41 22.01 9.95 -20.55
C ARG E 41 22.70 9.08 -19.51
N TYR E 42 21.92 8.49 -18.61
CA TYR E 42 22.47 7.62 -17.58
C TYR E 42 21.75 6.28 -17.54
N LEU E 43 22.51 5.23 -17.23
CA LEU E 43 21.96 3.88 -17.15
C LEU E 43 22.67 3.10 -16.04
N TRP E 44 21.90 2.60 -15.10
CA TRP E 44 22.44 1.78 -14.02
C TRP E 44 21.57 0.55 -13.81
N ARG E 45 22.20 -0.52 -13.34
CA ARG E 45 21.48 -1.75 -13.01
C ARG E 45 20.86 -1.63 -11.62
N THR E 46 19.61 -2.06 -11.51
CA THR E 46 18.95 -2.15 -10.21
C THR E 46 19.44 -3.40 -9.48
N THR E 47 20.36 -3.20 -8.55
CA THR E 47 21.01 -4.31 -7.85
C THR E 47 20.01 -5.33 -7.35
N GLY E 48 20.25 -6.60 -7.67
CA GLY E 48 19.36 -7.69 -7.30
C GLY E 48 18.09 -7.83 -8.13
N LYS E 49 17.94 -7.00 -9.17
CA LYS E 49 16.71 -7.00 -9.96
C LYS E 49 16.96 -6.93 -11.46
N TYR E 50 16.07 -7.55 -12.23
CA TYR E 50 16.12 -7.46 -13.69
C TYR E 50 15.45 -6.17 -14.12
N GLY E 51 16.23 -5.09 -14.14
CA GLY E 51 15.72 -3.78 -14.50
C GLY E 51 16.81 -2.74 -14.41
N ASN E 52 16.44 -1.48 -14.61
CA ASN E 52 17.41 -0.39 -14.55
C ASN E 52 16.81 0.89 -14.02
N ILE E 53 17.67 1.77 -13.54
CA ILE E 53 17.31 3.18 -13.34
C ILE E 53 18.05 3.97 -14.39
N SER E 54 17.32 4.84 -15.09
CA SER E 54 17.90 5.60 -16.17
C SER E 54 17.52 7.06 -16.06
N VAL E 55 18.36 7.92 -16.64
CA VAL E 55 18.02 9.32 -16.80
C VAL E 55 17.99 9.64 -18.28
N PHE E 56 16.83 10.05 -18.78
CA PHE E 56 16.68 10.42 -20.17
C PHE E 56 16.71 11.93 -20.32
N ASP E 57 17.25 12.39 -21.45
CA ASP E 57 17.37 13.81 -21.73
C ASP E 57 16.80 14.10 -23.12
N VAL E 58 15.52 14.46 -23.17
CA VAL E 58 14.83 14.69 -24.42
C VAL E 58 14.09 16.02 -24.40
N ASN E 59 13.52 16.40 -25.54
CA ASN E 59 12.93 17.73 -25.70
C ASN E 59 11.44 17.81 -25.38
N SER E 60 10.78 16.67 -25.21
CA SER E 60 9.34 16.67 -24.93
C SER E 60 8.86 15.35 -24.37
N HIS E 61 7.68 15.37 -23.73
CA HIS E 61 7.04 14.15 -23.28
C HIS E 61 6.84 13.22 -24.46
N ASP E 62 6.34 13.78 -25.56
CA ASP E 62 6.05 13.01 -26.77
C ASP E 62 7.28 12.26 -27.23
N GLU E 63 8.41 12.96 -27.28
CA GLU E 63 9.67 12.34 -27.70
C GLU E 63 10.02 11.17 -26.79
N LEU E 64 9.89 11.38 -25.48
CA LEU E 64 10.21 10.33 -24.52
C LEU E 64 9.35 9.09 -24.73
N HIS E 65 8.05 9.28 -24.87
CA HIS E 65 7.13 8.16 -25.06
C HIS E 65 7.50 7.33 -26.29
N GLU E 66 7.72 8.00 -27.41
CA GLU E 66 8.06 7.32 -28.65
C GLU E 66 9.31 6.45 -28.46
N ILE E 67 10.31 7.01 -27.80
CA ILE E 67 11.54 6.28 -27.52
C ILE E 67 11.26 5.01 -26.71
N LEU E 68 10.59 5.17 -25.57
CA LEU E 68 10.29 4.05 -24.70
C LEU E 68 9.41 3.01 -25.41
N TRP E 69 8.42 3.51 -26.14
CA TRP E 69 7.51 2.66 -26.88
C TRP E 69 8.24 1.72 -27.82
N SER E 70 9.37 2.18 -28.35
CA SER E 70 10.12 1.43 -29.36
C SER E 70 11.12 0.46 -28.76
N LEU E 71 11.44 0.63 -27.48
CA LEU E 71 12.38 -0.27 -26.81
C LEU E 71 11.94 -1.72 -26.99
N PRO E 72 12.90 -2.60 -27.35
CA PRO E 72 12.57 -4.00 -27.60
C PRO E 72 11.91 -4.69 -26.39
N PHE E 73 12.28 -4.30 -25.18
CA PHE E 73 11.73 -4.92 -23.97
C PHE E 73 10.36 -4.37 -23.59
N PHE E 74 9.93 -3.29 -24.26
CA PHE E 74 8.74 -2.56 -23.82
C PHE E 74 7.55 -3.45 -23.47
N PRO E 75 7.25 -4.45 -24.31
CA PRO E 75 6.08 -5.29 -24.02
C PRO E 75 6.18 -5.98 -22.66
N TYR E 76 7.41 -6.17 -22.17
CA TYR E 76 7.62 -6.88 -20.91
C TYR E 76 8.06 -5.93 -19.79
N LEU E 77 7.99 -4.64 -20.05
CA LEU E 77 8.48 -3.65 -19.08
C LEU E 77 7.36 -3.08 -18.20
N THR E 78 7.68 -2.88 -16.94
CA THR E 78 6.90 -2.04 -16.05
C THR E 78 7.69 -0.75 -15.88
N ILE E 79 7.10 0.37 -16.25
CA ILE E 79 7.85 1.62 -16.32
C ILE E 79 7.28 2.73 -15.43
N ASP E 80 8.18 3.44 -14.77
CA ASP E 80 7.81 4.61 -13.98
CA ASP E 80 7.82 4.62 -13.98
C ASP E 80 8.57 5.83 -14.51
N VAL E 81 7.84 6.87 -14.85
CA VAL E 81 8.44 8.09 -15.37
C VAL E 81 8.23 9.23 -14.40
N GLU E 82 9.25 10.09 -14.29
CA GLU E 82 9.26 11.14 -13.29
C GLU E 82 10.13 12.30 -13.78
N PRO E 83 9.54 13.49 -13.91
CA PRO E 83 10.32 14.64 -14.39
C PRO E 83 11.30 15.15 -13.33
N LEU E 84 12.49 15.56 -13.76
CA LEU E 84 13.48 16.12 -12.86
C LEU E 84 13.72 17.58 -13.20
N SER E 85 13.81 18.42 -12.17
CA SER E 85 14.09 19.83 -12.36
C SER E 85 15.50 20.16 -11.89
N HIS E 86 16.00 21.31 -12.31
CA HIS E 86 17.31 21.78 -11.88
C HIS E 86 17.25 22.17 -10.41
N HIS E 87 18.23 21.71 -9.64
CA HIS E 87 18.32 22.03 -8.22
C HIS E 87 19.12 23.31 -8.03
N PRO E 88 18.59 24.28 -7.27
CA PRO E 88 19.28 25.55 -7.04
C PRO E 88 20.57 25.40 -6.23
N ALA E 89 20.88 24.18 -5.80
CA ALA E 89 22.06 23.92 -4.99
C ALA E 89 23.05 23.06 -5.77
N ARG E 90 22.69 22.75 -7.02
CA ARG E 90 23.57 22.01 -7.91
C ARG E 90 24.80 22.86 -8.20
N VAL E 91 25.97 22.24 -8.15
CA VAL E 91 27.23 22.93 -8.43
C VAL E 91 27.78 22.52 -9.78
N MET F 1 -21.74 15.53 -17.10
CA MET F 1 -21.00 15.15 -15.86
C MET F 1 -19.61 14.65 -16.22
N LEU F 2 -18.60 15.15 -15.52
CA LEU F 2 -17.22 14.81 -15.84
C LEU F 2 -16.67 13.70 -14.94
N TYR F 3 -15.91 12.80 -15.55
CA TYR F 3 -15.19 11.77 -14.80
C TYR F 3 -13.75 11.71 -15.28
N LEU F 4 -12.82 11.65 -14.34
CA LEU F 4 -11.43 11.35 -14.69
C LEU F 4 -11.28 9.84 -14.74
N VAL F 5 -10.82 9.32 -15.88
CA VAL F 5 -10.73 7.88 -16.08
C VAL F 5 -9.33 7.47 -16.51
N ARG F 6 -8.66 6.71 -15.66
CA ARG F 6 -7.33 6.20 -15.98
C ARG F 6 -7.43 4.79 -16.52
N MET F 7 -6.80 4.55 -17.66
CA MET F 7 -6.81 3.23 -18.28
C MET F 7 -5.39 2.70 -18.43
N THR F 8 -5.19 1.44 -18.04
CA THR F 8 -3.91 0.78 -18.16
C THR F 8 -4.09 -0.56 -18.85
N VAL F 9 -3.38 -0.75 -19.96
CA VAL F 9 -3.50 -1.98 -20.75
C VAL F 9 -2.47 -3.02 -20.31
N ASN F 10 -2.93 -4.25 -20.12
CA ASN F 10 -2.04 -5.37 -19.85
C ASN F 10 -2.42 -6.57 -20.72
N LEU F 11 -1.76 -6.68 -21.87
CA LEU F 11 -2.08 -7.72 -22.84
C LEU F 11 -1.57 -9.08 -22.40
N PRO F 12 -2.38 -10.12 -22.60
CA PRO F 12 -1.89 -11.49 -22.39
C PRO F 12 -0.68 -11.75 -23.29
N ARG F 13 0.32 -12.43 -22.76
CA ARG F 13 1.54 -12.67 -23.52
C ARG F 13 1.22 -13.41 -24.82
N ASN F 14 0.24 -14.29 -24.76
CA ASN F 14 -0.08 -15.16 -25.90
C ASN F 14 -1.05 -14.52 -26.89
N LEU F 15 -1.25 -13.22 -26.80
CA LEU F 15 -2.14 -12.52 -27.73
C LEU F 15 -1.51 -12.45 -29.11
N ASP F 16 -2.15 -13.06 -30.09
CA ASP F 16 -1.65 -13.05 -31.46
C ASP F 16 -1.63 -11.63 -31.99
N PRO F 17 -0.45 -11.17 -32.47
CA PRO F 17 -0.33 -9.83 -33.04
C PRO F 17 -1.42 -9.53 -34.08
N ARG F 18 -1.96 -10.56 -34.73
CA ARG F 18 -3.10 -10.38 -35.60
C ARG F 18 -4.24 -9.79 -34.79
N GLU F 19 -4.52 -10.44 -33.66
CA GLU F 19 -5.61 -10.06 -32.79
C GLU F 19 -5.37 -8.68 -32.18
N GLU F 20 -4.11 -8.38 -31.88
CA GLU F 20 -3.78 -7.07 -31.30
C GLU F 20 -4.04 -5.95 -32.30
N GLU F 21 -3.72 -6.20 -33.57
CA GLU F 21 -3.93 -5.19 -34.61
C GLU F 21 -5.41 -4.88 -34.73
N ARG F 22 -6.22 -5.93 -34.86
CA ARG F 22 -7.68 -5.80 -34.92
C ARG F 22 -8.19 -5.05 -33.70
N LEU F 23 -7.67 -5.42 -32.53
CA LEU F 23 -8.07 -4.79 -31.28
C LEU F 23 -7.76 -3.29 -31.33
N LYS F 24 -6.56 -2.95 -31.77
CA LYS F 24 -6.13 -1.55 -31.84
C LYS F 24 -7.03 -0.75 -32.78
N ALA F 25 -7.38 -1.35 -33.92
CA ALA F 25 -8.19 -0.66 -34.91
C ALA F 25 -9.61 -0.44 -34.39
N SER F 26 -10.20 -1.48 -33.80
CA SER F 26 -11.53 -1.38 -33.23
C SER F 26 -11.56 -0.29 -32.16
N ALA F 27 -10.54 -0.29 -31.30
CA ALA F 27 -10.45 0.69 -30.24
C ALA F 27 -10.35 2.09 -30.80
N LYS F 28 -9.50 2.27 -31.79
CA LYS F 28 -9.31 3.58 -32.41
C LYS F 28 -10.61 4.08 -33.03
N ALA F 29 -11.31 3.20 -33.73
CA ALA F 29 -12.57 3.55 -34.37
C ALA F 29 -13.64 3.86 -33.33
N ARG F 30 -13.67 3.09 -32.26
CA ARG F 30 -14.64 3.30 -31.19
C ARG F 30 -14.41 4.62 -30.49
N SER F 31 -13.15 4.92 -30.18
CA SER F 31 -12.82 6.16 -29.47
C SER F 31 -13.11 7.38 -30.35
N ARG F 32 -12.90 7.25 -31.65
CA ARG F 32 -13.16 8.36 -32.56
C ARG F 32 -14.62 8.80 -32.46
N THR F 33 -15.52 7.83 -32.52
CA THR F 33 -16.95 8.13 -32.45
C THR F 33 -17.29 8.81 -31.13
N LEU F 34 -16.84 8.21 -30.02
CA LEU F 34 -17.14 8.73 -28.70
C LEU F 34 -16.58 10.15 -28.50
N GLN F 35 -15.45 10.43 -29.13
CA GLN F 35 -14.86 11.76 -29.06
C GLN F 35 -15.65 12.75 -29.91
N GLU F 36 -16.02 12.34 -31.12
CA GLU F 36 -16.74 13.21 -32.04
C GLU F 36 -18.10 13.62 -31.47
N GLN F 37 -18.75 12.70 -30.77
CA GLN F 37 -20.05 12.98 -30.17
C GLN F 37 -19.91 13.69 -28.82
N GLY F 38 -18.68 13.74 -28.31
CA GLY F 38 -18.37 14.55 -27.14
C GLY F 38 -18.40 13.83 -25.80
N GLN F 39 -18.70 12.54 -25.82
CA GLN F 39 -18.74 11.76 -24.58
C GLN F 39 -17.33 11.53 -24.05
N TRP F 40 -16.39 11.33 -24.96
CA TRP F 40 -14.98 11.16 -24.60
C TRP F 40 -14.28 12.50 -24.85
N ARG F 41 -14.35 13.39 -23.87
CA ARG F 41 -13.93 14.78 -24.09
C ARG F 41 -12.42 14.90 -24.29
N TYR F 42 -11.63 14.34 -23.40
CA TYR F 42 -10.18 14.42 -23.51
C TYR F 42 -9.52 13.05 -23.49
N LEU F 43 -8.44 12.93 -24.24
CA LEU F 43 -7.70 11.67 -24.34
C LEU F 43 -6.21 11.97 -24.42
N TRP F 44 -5.46 11.54 -23.41
CA TRP F 44 -4.03 11.74 -23.37
C TRP F 44 -3.32 10.41 -23.17
N ARG F 45 -2.14 10.28 -23.77
CA ARG F 45 -1.30 9.12 -23.55
C ARG F 45 -0.54 9.27 -22.25
N THR F 46 -0.56 8.22 -21.43
CA THR F 46 0.29 8.18 -20.25
C THR F 46 1.72 7.89 -20.69
N THR F 47 2.60 8.87 -20.51
CA THR F 47 3.96 8.77 -21.02
C THR F 47 4.67 7.52 -20.49
N GLY F 48 5.33 6.81 -21.41
CA GLY F 48 6.04 5.58 -21.08
C GLY F 48 5.18 4.35 -20.84
N LYS F 49 3.86 4.51 -20.89
CA LYS F 49 2.95 3.42 -20.55
C LYS F 49 1.95 3.10 -21.65
N TYR F 50 1.49 1.85 -21.67
CA TYR F 50 0.44 1.44 -22.59
C TYR F 50 -0.91 1.67 -21.93
N GLY F 51 -1.40 2.89 -22.04
CA GLY F 51 -2.68 3.27 -21.44
C GLY F 51 -2.96 4.73 -21.70
N ASN F 52 -3.90 5.28 -20.95
CA ASN F 52 -4.27 6.67 -21.14
C ASN F 52 -4.94 7.28 -19.92
N ILE F 53 -4.97 8.60 -19.90
CA ILE F 53 -5.79 9.33 -18.94
CA ILE F 53 -5.77 9.36 -18.94
C ILE F 53 -6.83 10.11 -19.73
N SER F 54 -8.09 9.92 -19.38
CA SER F 54 -9.17 10.53 -20.15
C SER F 54 -10.12 11.31 -19.25
N VAL F 55 -10.86 12.21 -19.88
CA VAL F 55 -12.00 12.85 -19.23
C VAL F 55 -13.25 12.52 -20.04
N PHE F 56 -14.24 11.94 -19.38
CA PHE F 56 -15.49 11.62 -20.03
C PHE F 56 -16.59 12.59 -19.58
N ASP F 57 -17.44 12.98 -20.53
CA ASP F 57 -18.57 13.84 -20.26
C ASP F 57 -19.86 13.11 -20.64
N VAL F 58 -20.53 12.55 -19.64
CA VAL F 58 -21.75 11.78 -19.87
C VAL F 58 -22.84 12.18 -18.88
N ASN F 59 -24.05 11.68 -19.10
CA ASN F 59 -25.21 12.09 -18.32
C ASN F 59 -25.40 11.30 -17.03
N SER F 60 -24.92 10.06 -17.00
CA SER F 60 -25.13 9.21 -15.81
C SER F 60 -24.02 8.20 -15.61
N HIS F 61 -23.92 7.68 -14.39
CA HIS F 61 -23.02 6.58 -14.09
C HIS F 61 -23.33 5.41 -15.00
N ASP F 62 -24.62 5.16 -15.20
CA ASP F 62 -25.07 4.05 -16.03
C ASP F 62 -24.52 4.17 -17.44
N GLU F 63 -24.52 5.39 -17.98
CA GLU F 63 -24.03 5.60 -19.34
C GLU F 63 -22.53 5.36 -19.39
N LEU F 64 -21.81 5.86 -18.38
CA LEU F 64 -20.36 5.69 -18.33
C LEU F 64 -19.98 4.21 -18.31
N HIS F 65 -20.63 3.43 -17.46
CA HIS F 65 -20.31 2.00 -17.34
C HIS F 65 -20.53 1.29 -18.67
N GLU F 66 -21.64 1.59 -19.34
CA GLU F 66 -21.94 0.96 -20.63
C GLU F 66 -20.84 1.27 -21.64
N ILE F 67 -20.42 2.53 -21.68
CA ILE F 67 -19.35 2.95 -22.58
C ILE F 67 -18.06 2.20 -22.28
N LEU F 68 -17.60 2.30 -21.03
CA LEU F 68 -16.34 1.68 -20.63
C LEU F 68 -16.38 0.17 -20.88
N TRP F 69 -17.50 -0.45 -20.53
CA TRP F 69 -17.70 -1.87 -20.73
C TRP F 69 -17.59 -2.26 -22.20
N SER F 70 -17.95 -1.34 -23.09
CA SER F 70 -17.97 -1.64 -24.52
C SER F 70 -16.61 -1.49 -25.18
N LEU F 71 -15.66 -0.87 -24.48
CA LEU F 71 -14.34 -0.61 -25.03
C LEU F 71 -13.64 -1.91 -25.43
N PRO F 72 -13.15 -1.98 -26.68
CA PRO F 72 -12.49 -3.20 -27.17
C PRO F 72 -11.39 -3.71 -26.23
N PHE F 73 -10.67 -2.82 -25.56
CA PHE F 73 -9.58 -3.23 -24.68
C PHE F 73 -10.05 -3.65 -23.28
N PHE F 74 -11.35 -3.54 -23.02
CA PHE F 74 -11.85 -3.72 -21.66
C PHE F 74 -11.33 -4.97 -20.95
N PRO F 75 -11.25 -6.10 -21.66
CA PRO F 75 -10.80 -7.34 -21.03
C PRO F 75 -9.40 -7.25 -20.44
N TYR F 76 -8.59 -6.34 -20.98
CA TYR F 76 -7.18 -6.25 -20.59
C TYR F 76 -6.90 -4.94 -19.85
N LEU F 77 -7.95 -4.26 -19.42
CA LEU F 77 -7.80 -2.95 -18.82
C LEU F 77 -7.94 -2.94 -17.31
N THR F 78 -7.08 -2.16 -16.66
CA THR F 78 -7.29 -1.74 -15.29
C THR F 78 -7.85 -0.32 -15.38
N ILE F 79 -8.99 -0.09 -14.74
CA ILE F 79 -9.68 1.19 -14.87
C ILE F 79 -9.93 1.86 -13.52
N ASP F 80 -9.56 3.13 -13.43
CA ASP F 80 -9.86 3.95 -12.26
C ASP F 80 -10.81 5.07 -12.66
N VAL F 81 -11.89 5.21 -11.90
CA VAL F 81 -12.91 6.21 -12.18
C VAL F 81 -13.10 7.13 -10.98
N GLU F 82 -13.17 8.43 -11.23
CA GLU F 82 -13.50 9.37 -10.17
C GLU F 82 -14.26 10.58 -10.71
N PRO F 83 -15.29 11.03 -9.97
CA PRO F 83 -16.07 12.21 -10.35
C PRO F 83 -15.25 13.49 -10.34
N LEU F 84 -15.54 14.38 -11.28
CA LEU F 84 -14.97 15.72 -11.27
C LEU F 84 -16.10 16.72 -11.11
N SER F 85 -15.81 17.82 -10.41
CA SER F 85 -16.80 18.86 -10.19
C SER F 85 -16.28 20.19 -10.71
N HIS F 86 -17.19 21.11 -10.98
CA HIS F 86 -16.78 22.46 -11.36
C HIS F 86 -16.04 23.10 -10.20
N HIS F 87 -14.93 23.76 -10.52
CA HIS F 87 -14.09 24.38 -9.51
C HIS F 87 -14.40 25.87 -9.45
N PRO F 88 -14.68 26.40 -8.26
CA PRO F 88 -15.08 27.81 -8.12
C PRO F 88 -14.10 28.79 -8.76
N ALA F 89 -12.81 28.58 -8.50
CA ALA F 89 -11.76 29.41 -9.10
C ALA F 89 -11.51 29.13 -10.60
N ARG F 90 -12.38 28.34 -11.21
CA ARG F 90 -12.24 28.02 -12.64
C ARG F 90 -12.59 29.22 -13.51
N VAL F 91 -11.74 29.50 -14.49
CA VAL F 91 -11.99 30.56 -15.45
C VAL F 91 -12.20 29.98 -16.85
N MET G 1 31.28 3.65 -4.93
CA MET G 1 30.13 3.02 -5.64
C MET G 1 28.86 3.83 -5.43
N LEU G 2 27.83 3.50 -6.18
CA LEU G 2 26.69 4.39 -6.37
C LEU G 2 25.45 3.99 -5.58
N TYR G 3 24.75 5.00 -5.08
CA TYR G 3 23.46 4.82 -4.45
C TYR G 3 22.49 5.84 -5.02
N LEU G 4 21.25 5.42 -5.27
CA LEU G 4 20.19 6.36 -5.59
C LEU G 4 19.50 6.74 -4.29
N VAL G 5 19.43 8.03 -4.01
CA VAL G 5 18.87 8.52 -2.77
C VAL G 5 17.77 9.54 -3.02
N ARG G 6 16.59 9.27 -2.50
CA ARG G 6 15.49 10.22 -2.60
C ARG G 6 15.26 10.86 -1.23
N MET G 7 15.14 12.18 -1.22
CA MET G 7 14.94 12.93 0.01
C MET G 7 13.69 13.78 -0.09
N THR G 8 12.88 13.78 0.96
CA THR G 8 11.71 14.64 1.02
C THR G 8 11.74 15.46 2.31
N VAL G 9 11.61 16.77 2.18
CA VAL G 9 11.67 17.66 3.33
C VAL G 9 10.29 17.92 3.91
N ASN G 10 10.13 17.64 5.20
CA ASN G 10 8.88 17.89 5.90
C ASN G 10 9.09 18.89 7.03
N LEU G 11 8.99 20.18 6.72
CA LEU G 11 9.19 21.22 7.73
C LEU G 11 7.89 21.49 8.46
N PRO G 12 7.97 21.63 9.80
CA PRO G 12 6.78 22.01 10.58
C PRO G 12 6.41 23.45 10.32
N ARG G 13 5.12 23.75 10.23
CA ARG G 13 4.65 25.10 9.95
C ARG G 13 5.18 26.08 10.98
N ASN G 14 5.22 25.64 12.23
CA ASN G 14 5.62 26.49 13.34
C ASN G 14 7.13 26.77 13.38
N LEU G 15 7.85 26.37 12.34
CA LEU G 15 9.28 26.56 12.31
C LEU G 15 9.65 28.04 12.23
N ASP G 16 10.47 28.48 13.17
CA ASP G 16 11.02 29.83 13.15
C ASP G 16 11.60 30.11 11.76
N PRO G 17 11.04 31.10 11.05
CA PRO G 17 11.51 31.39 9.69
C PRO G 17 13.00 31.73 9.65
N ARG G 18 13.51 32.28 10.75
CA ARG G 18 14.93 32.57 10.87
C ARG G 18 15.72 31.26 10.87
N GLU G 19 15.20 30.27 11.58
CA GLU G 19 15.82 28.95 11.63
C GLU G 19 15.74 28.28 10.26
N GLU G 20 14.59 28.41 9.60
CA GLU G 20 14.40 27.82 8.28
C GLU G 20 15.45 28.33 7.30
N GLU G 21 15.70 29.64 7.35
CA GLU G 21 16.67 30.26 6.46
C GLU G 21 18.09 29.80 6.78
N ARG G 22 18.39 29.62 8.05
CA ARG G 22 19.70 29.12 8.46
C ARG G 22 19.89 27.71 7.91
N LEU G 23 18.84 26.89 8.00
CA LEU G 23 18.90 25.52 7.52
C LEU G 23 19.12 25.47 6.00
N LYS G 24 18.38 26.27 5.25
CA LYS G 24 18.56 26.34 3.81
C LYS G 24 20.00 26.68 3.49
N ALA G 25 20.53 27.67 4.19
CA ALA G 25 21.89 28.15 3.95
C ALA G 25 22.92 27.08 4.28
N SER G 26 22.72 26.39 5.40
CA SER G 26 23.65 25.35 5.82
C SER G 26 23.62 24.19 4.85
N ALA G 27 22.42 23.79 4.46
CA ALA G 27 22.23 22.69 3.51
C ALA G 27 22.94 23.00 2.19
N LYS G 28 22.76 24.22 1.71
CA LYS G 28 23.38 24.63 0.44
C LYS G 28 24.90 24.54 0.54
N ALA G 29 25.45 24.98 1.66
CA ALA G 29 26.89 24.96 1.86
C ALA G 29 27.41 23.53 2.02
N ARG G 30 26.66 22.72 2.76
CA ARG G 30 27.06 21.33 3.01
C ARG G 30 27.04 20.52 1.71
N SER G 31 25.99 20.68 0.91
CA SER G 31 25.88 19.94 -0.34
C SER G 31 26.90 20.43 -1.36
N ARG G 32 27.23 21.72 -1.32
CA ARG G 32 28.26 22.26 -2.21
C ARG G 32 29.55 21.50 -1.99
N THR G 33 29.97 21.40 -0.73
CA THR G 33 31.20 20.70 -0.36
C THR G 33 31.17 19.26 -0.85
N LEU G 34 30.09 18.55 -0.53
CA LEU G 34 29.99 17.14 -0.87
C LEU G 34 30.02 16.91 -2.37
N GLN G 35 29.44 17.83 -3.13
CA GLN G 35 29.48 17.75 -4.59
C GLN G 35 30.90 18.02 -5.10
N GLU G 36 31.55 19.03 -4.53
CA GLU G 36 32.91 19.38 -4.93
C GLU G 36 33.89 18.22 -4.66
N GLN G 37 33.59 17.42 -3.66
CA GLN G 37 34.43 16.27 -3.31
C GLN G 37 34.06 15.04 -4.13
N GLY G 38 32.93 15.09 -4.82
CA GLY G 38 32.53 14.03 -5.72
C GLY G 38 31.71 12.94 -5.06
N GLN G 39 31.46 13.07 -3.76
CA GLN G 39 30.67 12.08 -3.04
C GLN G 39 29.19 12.25 -3.35
N TRP G 40 28.75 13.50 -3.44
CA TRP G 40 27.41 13.82 -3.92
C TRP G 40 27.51 14.07 -5.43
N ARG G 41 27.35 13.01 -6.21
CA ARG G 41 27.63 13.06 -7.64
C ARG G 41 26.57 13.81 -8.43
N TYR G 42 25.31 13.45 -8.23
CA TYR G 42 24.22 14.10 -8.95
C TYR G 42 23.15 14.62 -8.00
N LEU G 43 22.54 15.74 -8.36
CA LEU G 43 21.50 16.36 -7.56
C LEU G 43 20.43 16.98 -8.47
N TRP G 44 19.20 16.51 -8.33
CA TRP G 44 18.10 17.05 -9.10
C TRP G 44 16.92 17.37 -8.19
N ARG G 45 16.18 18.42 -8.52
CA ARG G 45 14.97 18.74 -7.79
C ARG G 45 13.83 17.85 -8.25
N THR G 46 13.10 17.28 -7.29
CA THR G 46 11.88 16.54 -7.59
C THR G 46 10.78 17.54 -7.94
N THR G 47 10.37 17.55 -9.21
CA THR G 47 9.46 18.57 -9.72
C THR G 47 8.14 18.60 -8.95
N GLY G 48 7.74 19.80 -8.55
CA GLY G 48 6.54 19.99 -7.75
C GLY G 48 6.65 19.66 -6.28
N LYS G 49 7.83 19.23 -5.82
CA LYS G 49 8.01 18.81 -4.43
C LYS G 49 9.23 19.43 -3.76
N TYR G 50 9.17 19.53 -2.43
CA TYR G 50 10.31 19.98 -1.65
C TYR G 50 11.20 18.78 -1.33
N GLY G 51 12.12 18.48 -2.23
CA GLY G 51 13.00 17.33 -2.07
C GLY G 51 13.91 17.15 -3.27
N ASN G 52 14.64 16.06 -3.32
CA ASN G 52 15.56 15.83 -4.42
C ASN G 52 15.76 14.36 -4.76
N ILE G 53 16.29 14.12 -5.96
CA ILE G 53 16.80 12.83 -6.35
C ILE G 53 18.31 12.97 -6.47
N SER G 54 19.05 12.09 -5.80
CA SER G 54 20.49 12.21 -5.77
C SER G 54 21.18 10.89 -6.09
N VAL G 55 22.40 10.99 -6.60
CA VAL G 55 23.27 9.83 -6.72
C VAL G 55 24.55 10.11 -5.92
N PHE G 56 24.87 9.20 -5.01
CA PHE G 56 26.07 9.35 -4.18
C PHE G 56 27.12 8.34 -4.58
N ASP G 57 28.38 8.77 -4.58
CA ASP G 57 29.50 7.91 -4.93
C ASP G 57 30.47 7.84 -3.75
N VAL G 58 30.32 6.81 -2.92
CA VAL G 58 31.17 6.64 -1.74
C VAL G 58 31.74 5.23 -1.73
N ASN G 59 32.58 4.93 -0.75
CA ASN G 59 33.27 3.64 -0.71
C ASN G 59 32.63 2.60 0.21
N SER G 60 31.61 2.99 0.98
CA SER G 60 30.95 2.05 1.87
C SER G 60 29.58 2.55 2.32
N HIS G 61 28.77 1.63 2.84
CA HIS G 61 27.47 1.98 3.39
C HIS G 61 27.66 2.98 4.53
N ASP G 62 28.69 2.74 5.34
CA ASP G 62 28.96 3.56 6.51
C ASP G 62 29.30 4.99 6.11
N GLU G 63 30.10 5.15 5.07
CA GLU G 63 30.40 6.48 4.56
C GLU G 63 29.11 7.19 4.16
N LEU G 64 28.21 6.48 3.47
CA LEU G 64 26.94 7.07 3.06
C LEU G 64 26.11 7.49 4.27
N HIS G 65 25.96 6.60 5.25
CA HIS G 65 25.15 6.88 6.43
C HIS G 65 25.66 8.13 7.16
N GLU G 66 26.96 8.20 7.39
CA GLU G 66 27.56 9.34 8.09
C GLU G 66 27.23 10.64 7.37
N ILE G 67 27.32 10.63 6.04
CA ILE G 67 27.00 11.81 5.25
C ILE G 67 25.55 12.22 5.43
N LEU G 68 24.63 11.28 5.23
CA LEU G 68 23.21 11.57 5.35
C LEU G 68 22.87 12.04 6.77
N TRP G 69 23.49 11.38 7.75
CA TRP G 69 23.27 11.68 9.16
C TRP G 69 23.63 13.13 9.49
N SER G 70 24.63 13.66 8.79
CA SER G 70 25.15 15.00 9.08
C SER G 70 24.42 16.10 8.30
N LEU G 71 23.56 15.72 7.36
CA LEU G 71 22.82 16.70 6.57
C LEU G 71 21.98 17.58 7.47
N PRO G 72 22.08 18.91 7.30
CA PRO G 72 21.32 19.86 8.12
C PRO G 72 19.82 19.54 8.19
N PHE G 73 19.23 19.13 7.07
CA PHE G 73 17.79 18.87 7.04
C PHE G 73 17.42 17.49 7.58
N PHE G 74 18.42 16.70 8.00
CA PHE G 74 18.17 15.31 8.34
C PHE G 74 16.97 15.10 9.26
N PRO G 75 16.86 15.90 10.34
CA PRO G 75 15.74 15.72 11.28
C PRO G 75 14.38 15.85 10.62
N TYR G 76 14.32 16.48 9.44
CA TYR G 76 13.06 16.73 8.76
C TYR G 76 12.97 15.93 7.45
N LEU G 77 13.92 15.04 7.23
CA LEU G 77 13.97 14.31 5.96
C LEU G 77 13.33 12.94 6.03
N THR G 78 12.64 12.58 4.95
CA THR G 78 12.29 11.20 4.67
C THR G 78 13.26 10.74 3.60
N ILE G 79 13.98 9.65 3.87
CA ILE G 79 15.05 9.22 2.98
C ILE G 79 14.90 7.77 2.53
N ASP G 80 15.06 7.55 1.24
CA ASP G 80 15.08 6.20 0.69
CA ASP G 80 15.07 6.21 0.69
C ASP G 80 16.41 5.96 0.00
N VAL G 81 17.04 4.83 0.33
CA VAL G 81 18.34 4.51 -0.23
C VAL G 81 18.28 3.21 -1.02
N GLU G 82 18.99 3.19 -2.15
CA GLU G 82 18.95 2.08 -3.07
C GLU G 82 20.28 1.97 -3.81
N PRO G 83 20.94 0.80 -3.73
CA PRO G 83 22.23 0.64 -4.42
C PRO G 83 22.07 0.48 -5.93
N LEU G 84 23.02 1.04 -6.69
CA LEU G 84 23.03 0.92 -8.14
C LEU G 84 24.27 0.15 -8.59
N SER G 85 24.09 -0.72 -9.58
CA SER G 85 25.20 -1.50 -10.12
C SER G 85 25.49 -1.10 -11.57
N HIS G 86 26.62 -1.56 -12.08
CA HIS G 86 27.00 -1.32 -13.46
C HIS G 86 26.10 -2.12 -14.41
N HIS G 87 25.48 -1.42 -15.35
CA HIS G 87 24.64 -2.08 -16.34
C HIS G 87 25.51 -2.57 -17.49
N PRO G 88 25.31 -3.83 -17.92
CA PRO G 88 26.13 -4.42 -18.99
C PRO G 88 25.88 -3.81 -20.38
N ALA G 89 25.09 -2.74 -20.45
CA ALA G 89 24.80 -2.08 -21.71
C ALA G 89 25.16 -0.60 -21.60
N ARG G 90 25.77 -0.23 -20.47
CA ARG G 90 26.20 1.15 -20.26
C ARG G 90 27.30 1.51 -21.25
N VAL G 91 27.09 2.61 -21.97
CA VAL G 91 28.10 3.13 -22.88
C VAL G 91 28.81 4.32 -22.25
N GLY G 92 29.99 4.08 -21.70
CA GLY G 92 30.77 5.11 -21.05
C GLY G 92 30.93 4.90 -19.56
N LYS G 93 30.95 6.00 -18.82
CA LYS G 93 31.18 5.95 -17.38
C LYS G 93 29.86 5.98 -16.62
N ASP G 94 29.87 5.44 -15.40
CA ASP G 94 28.66 5.38 -14.58
C ASP G 94 28.52 6.64 -13.73
N MET H 1 -28.23 9.96 -9.56
CA MET H 1 -26.96 9.18 -9.55
C MET H 1 -26.68 8.74 -8.12
N LEU H 2 -26.26 7.49 -7.97
CA LEU H 2 -25.93 6.95 -6.67
C LEU H 2 -24.43 6.97 -6.45
N TYR H 3 -24.01 7.32 -5.24
CA TYR H 3 -22.60 7.31 -4.87
C TYR H 3 -22.41 6.60 -3.54
N LEU H 4 -21.48 5.66 -3.48
CA LEU H 4 -21.07 5.08 -2.21
C LEU H 4 -20.07 6.02 -1.56
N VAL H 5 -20.40 6.52 -0.38
CA VAL H 5 -19.55 7.48 0.32
C VAL H 5 -19.16 6.96 1.69
N ARG H 6 -17.86 6.80 1.92
CA ARG H 6 -17.34 6.41 3.22
C ARG H 6 -16.78 7.62 3.93
N MET H 7 -17.21 7.82 5.17
CA MET H 7 -16.73 8.94 5.97
C MET H 7 -16.03 8.43 7.23
N THR H 8 -14.95 9.10 7.61
CA THR H 8 -14.22 8.75 8.82
C THR H 8 -13.92 10.03 9.60
N VAL H 9 -14.40 10.07 10.84
CA VAL H 9 -14.26 11.26 11.67
C VAL H 9 -12.99 11.18 12.52
N ASN H 10 -12.12 12.17 12.34
CA ASN H 10 -10.92 12.29 13.17
C ASN H 10 -10.89 13.66 13.83
N LEU H 11 -11.49 13.76 15.01
CA LEU H 11 -11.58 15.01 15.74
C LEU H 11 -10.27 15.38 16.40
N PRO H 12 -10.01 16.68 16.58
CA PRO H 12 -8.84 17.14 17.34
C PRO H 12 -9.02 16.84 18.82
N ARG H 13 -7.94 16.48 19.51
CA ARG H 13 -8.02 16.16 20.92
C ARG H 13 -8.34 17.40 21.76
N ASN H 14 -7.89 18.56 21.27
CA ASN H 14 -8.06 19.82 21.98
C ASN H 14 -9.46 20.42 21.82
N LEU H 15 -10.31 19.75 21.04
CA LEU H 15 -11.63 20.28 20.72
C LEU H 15 -12.44 20.61 21.97
N ASP H 16 -12.95 21.84 22.03
CA ASP H 16 -13.74 22.31 23.16
C ASP H 16 -14.99 21.44 23.36
N PRO H 17 -15.31 21.10 24.62
CA PRO H 17 -16.43 20.22 24.94
C PRO H 17 -17.78 20.66 24.36
N ARG H 18 -18.27 21.82 24.76
CA ARG H 18 -19.57 22.30 24.31
C ARG H 18 -19.63 22.48 22.80
N GLU H 19 -18.46 22.62 22.17
CA GLU H 19 -18.38 22.76 20.72
C GLU H 19 -18.61 21.40 20.07
N GLU H 20 -17.97 20.37 20.61
CA GLU H 20 -18.10 19.02 20.06
C GLU H 20 -19.54 18.54 20.08
N GLU H 21 -20.23 18.78 21.19
CA GLU H 21 -21.63 18.38 21.31
C GLU H 21 -22.50 19.19 20.36
N ARG H 22 -22.21 20.49 20.24
CA ARG H 22 -22.93 21.34 19.30
C ARG H 22 -22.71 20.85 17.88
N LEU H 23 -21.55 20.23 17.66
CA LEU H 23 -21.18 19.74 16.33
C LEU H 23 -21.95 18.47 16.00
N LYS H 24 -22.10 17.59 17.00
CA LYS H 24 -22.87 16.36 16.83
C LYS H 24 -24.34 16.68 16.58
N ALA H 25 -24.85 17.68 17.29
CA ALA H 25 -26.24 18.10 17.15
C ALA H 25 -26.47 18.69 15.76
N SER H 26 -25.52 19.50 15.31
CA SER H 26 -25.60 20.13 14.00
CA SER H 26 -25.60 20.14 14.00
C SER H 26 -25.54 19.09 12.89
N ALA H 27 -24.62 18.14 13.03
CA ALA H 27 -24.46 17.08 12.04
C ALA H 27 -25.73 16.25 11.95
N LYS H 28 -26.28 15.90 13.11
CA LYS H 28 -27.48 15.09 13.18
C LYS H 28 -28.65 15.80 12.50
N ALA H 29 -28.75 17.10 12.72
CA ALA H 29 -29.82 17.91 12.14
C ALA H 29 -29.68 18.02 10.63
N ARG H 30 -28.43 18.15 10.16
CA ARG H 30 -28.17 18.31 8.74
C ARG H 30 -28.44 17.02 7.97
N SER H 31 -28.02 15.89 8.54
CA SER H 31 -28.23 14.61 7.89
C SER H 31 -29.70 14.22 7.93
N ARG H 32 -30.41 14.67 8.96
CA ARG H 32 -31.84 14.42 9.06
C ARG H 32 -32.54 15.05 7.86
N THR H 33 -32.20 16.30 7.58
CA THR H 33 -32.75 17.03 6.45
C THR H 33 -32.48 16.30 5.15
N LEU H 34 -31.22 15.97 4.91
CA LEU H 34 -30.80 15.33 3.67
C LEU H 34 -31.42 13.95 3.50
N GLN H 35 -31.63 13.24 4.60
CA GLN H 35 -32.28 11.93 4.55
C GLN H 35 -33.76 12.08 4.22
N GLU H 36 -34.42 13.01 4.90
CA GLU H 36 -35.83 13.27 4.66
C GLU H 36 -36.07 13.66 3.20
N GLN H 37 -35.16 14.44 2.64
CA GLN H 37 -35.27 14.88 1.25
C GLN H 37 -34.97 13.74 0.28
N GLY H 38 -34.19 12.76 0.73
CA GLY H 38 -33.90 11.58 -0.08
C GLY H 38 -32.51 11.60 -0.70
N GLN H 39 -31.84 12.75 -0.62
CA GLN H 39 -30.51 12.89 -1.20
C GLN H 39 -29.51 12.02 -0.44
N TRP H 40 -29.67 11.94 0.88
CA TRP H 40 -28.89 11.02 1.70
C TRP H 40 -29.71 9.75 1.90
N ARG H 41 -29.60 8.82 0.95
CA ARG H 41 -30.54 7.70 0.86
C ARG H 41 -30.33 6.63 1.92
N TYR H 42 -29.09 6.18 2.09
CA TYR H 42 -28.79 5.19 3.12
C TYR H 42 -27.67 5.66 4.04
N LEU H 43 -27.75 5.26 5.30
CA LEU H 43 -26.77 5.66 6.30
C LEU H 43 -26.56 4.54 7.30
N TRP H 44 -25.35 4.00 7.31
CA TRP H 44 -24.99 2.96 8.27
C TRP H 44 -23.74 3.36 9.05
N ARG H 45 -23.64 2.87 10.28
CA ARG H 45 -22.43 3.08 11.06
C ARG H 45 -21.40 2.00 10.77
N THR H 46 -20.17 2.43 10.50
CA THR H 46 -19.06 1.50 10.36
C THR H 46 -18.73 0.92 11.73
N THR H 47 -19.01 -0.37 11.91
CA THR H 47 -18.87 -1.03 13.20
C THR H 47 -17.47 -0.86 13.79
N GLY H 48 -17.42 -0.57 15.08
CA GLY H 48 -16.17 -0.31 15.78
C GLY H 48 -15.47 1.00 15.44
N LYS H 49 -16.08 1.83 14.59
CA LYS H 49 -15.41 3.04 14.11
C LYS H 49 -16.28 4.30 14.20
N TYR H 50 -15.62 5.45 14.19
CA TYR H 50 -16.30 6.74 14.20
C TYR H 50 -16.40 7.26 12.78
N GLY H 51 -17.49 6.90 12.11
CA GLY H 51 -17.69 7.28 10.72
C GLY H 51 -18.92 6.57 10.19
N ASN H 52 -19.08 6.56 8.87
CA ASN H 52 -20.23 5.91 8.27
C ASN H 52 -19.98 5.46 6.84
N ILE H 53 -20.82 4.54 6.39
CA ILE H 53 -20.92 4.20 4.99
C ILE H 53 -22.29 4.68 4.53
N SER H 54 -22.30 5.50 3.49
CA SER H 54 -23.53 6.11 3.03
C SER H 54 -23.72 5.90 1.54
N VAL H 55 -24.97 6.02 1.11
CA VAL H 55 -25.29 6.05 -0.31
C VAL H 55 -26.04 7.35 -0.59
N PHE H 56 -25.43 8.24 -1.36
CA PHE H 56 -26.07 9.48 -1.72
C PHE H 56 -26.75 9.36 -3.06
N ASP H 57 -27.85 10.08 -3.22
CA ASP H 57 -28.65 10.03 -4.43
C ASP H 57 -28.94 11.46 -4.89
N VAL H 58 -28.17 11.95 -5.84
CA VAL H 58 -28.26 13.33 -6.27
C VAL H 58 -28.16 13.46 -7.78
N ASN H 59 -28.44 14.66 -8.29
CA ASN H 59 -28.48 14.89 -9.74
C ASN H 59 -27.12 14.96 -10.41
N SER H 60 -26.09 15.33 -9.65
CA SER H 60 -24.78 15.57 -10.27
C SER H 60 -23.62 15.56 -9.28
N HIS H 61 -22.42 15.51 -9.82
CA HIS H 61 -21.20 15.61 -9.01
C HIS H 61 -21.22 16.91 -8.24
N ASP H 62 -21.54 18.01 -8.92
CA ASP H 62 -21.56 19.33 -8.30
C ASP H 62 -22.50 19.35 -7.12
N GLU H 63 -23.66 18.74 -7.28
CA GLU H 63 -24.67 18.68 -6.23
C GLU H 63 -24.10 17.94 -5.03
N LEU H 64 -23.46 16.79 -5.31
CA LEU H 64 -22.85 16.00 -4.26
C LEU H 64 -21.75 16.77 -3.54
N HIS H 65 -20.93 17.49 -4.29
CA HIS H 65 -19.80 18.20 -3.69
C HIS H 65 -20.27 19.25 -2.69
N GLU H 66 -21.26 20.05 -3.09
CA GLU H 66 -21.77 21.10 -2.24
C GLU H 66 -22.36 20.53 -0.95
N ILE H 67 -23.09 19.44 -1.08
CA ILE H 67 -23.64 18.75 0.09
C ILE H 67 -22.51 18.36 1.05
N LEU H 68 -21.58 17.54 0.58
CA LEU H 68 -20.49 17.05 1.42
C LEU H 68 -19.70 18.20 2.04
N TRP H 69 -19.44 19.22 1.22
CA TRP H 69 -18.65 20.37 1.64
C TRP H 69 -19.35 21.14 2.76
N SER H 70 -20.67 21.07 2.79
CA SER H 70 -21.46 21.83 3.75
C SER H 70 -21.65 21.08 5.06
N LEU H 71 -21.28 19.81 5.10
CA LEU H 71 -21.46 18.98 6.30
C LEU H 71 -20.67 19.55 7.46
N PRO H 72 -21.31 19.66 8.64
CA PRO H 72 -20.63 20.20 9.83
C PRO H 72 -19.29 19.51 10.13
N PHE H 73 -19.23 18.19 10.00
CA PHE H 73 -18.02 17.44 10.33
C PHE H 73 -16.95 17.52 9.25
N PHE H 74 -17.27 18.10 8.09
CA PHE H 74 -16.40 18.05 6.93
C PHE H 74 -14.91 18.30 7.24
N PRO H 75 -14.59 19.41 7.93
CA PRO H 75 -13.18 19.70 8.20
C PRO H 75 -12.45 18.61 8.97
N TYR H 76 -13.20 17.68 9.57
CA TYR H 76 -12.60 16.59 10.34
C TYR H 76 -12.83 15.23 9.67
N LEU H 77 -13.31 15.25 8.43
CA LEU H 77 -13.66 14.03 7.73
C LEU H 77 -12.62 13.59 6.71
N THR H 78 -12.42 12.28 6.62
CA THR H 78 -11.76 11.68 5.48
C THR H 78 -12.83 10.97 4.66
N ILE H 79 -12.94 11.33 3.38
CA ILE H 79 -14.04 10.85 2.55
C ILE H 79 -13.58 10.11 1.31
N ASP H 80 -14.21 8.96 1.04
CA ASP H 80 -14.03 8.25 -0.21
C ASP H 80 -15.33 8.30 -1.00
N VAL H 81 -15.25 8.62 -2.28
CA VAL H 81 -16.43 8.74 -3.13
C VAL H 81 -16.27 7.86 -4.37
N GLU H 82 -17.28 7.02 -4.63
CA GLU H 82 -17.25 6.19 -5.83
C GLU H 82 -18.67 6.00 -6.38
N PRO H 83 -18.83 6.20 -7.70
CA PRO H 83 -20.14 6.08 -8.36
C PRO H 83 -20.68 4.65 -8.38
N LEU H 84 -22.00 4.53 -8.23
CA LEU H 84 -22.69 3.25 -8.32
C LEU H 84 -23.63 3.26 -9.51
N SER H 85 -23.63 2.17 -10.29
CA SER H 85 -24.51 2.07 -11.45
C SER H 85 -25.56 0.99 -11.24
N HIS H 86 -26.59 1.00 -12.07
CA HIS H 86 -27.63 -0.02 -12.02
C HIS H 86 -27.05 -1.36 -12.44
N HIS H 87 -27.39 -2.40 -11.71
CA HIS H 87 -26.89 -3.74 -11.97
C HIS H 87 -27.96 -4.53 -12.72
N PRO H 88 -27.61 -5.12 -13.88
CA PRO H 88 -28.60 -5.83 -14.70
C PRO H 88 -29.25 -7.01 -13.99
N ALA H 89 -28.50 -7.67 -13.12
CA ALA H 89 -29.03 -8.74 -12.28
C ALA H 89 -29.90 -8.23 -11.12
N ARG H 90 -30.03 -6.91 -10.98
CA ARG H 90 -30.85 -6.33 -9.91
C ARG H 90 -32.32 -6.63 -10.15
N VAL H 91 -32.99 -7.17 -9.14
CA VAL H 91 -34.41 -7.48 -9.22
C VAL H 91 -35.24 -6.25 -8.88
N GLY H 92 -36.12 -5.88 -9.80
CA GLY H 92 -36.99 -4.73 -9.61
C GLY H 92 -36.22 -3.46 -9.33
N MET I 1 4.14 22.06 -22.90
CA MET I 1 3.68 20.64 -22.96
C MET I 1 2.93 20.28 -21.68
N LEU I 2 2.26 19.14 -21.70
CA LEU I 2 1.21 18.86 -20.72
C LEU I 2 1.65 18.04 -19.51
N TYR I 3 1.11 18.42 -18.34
CA TYR I 3 1.32 17.68 -17.11
C TYR I 3 -0.01 17.52 -16.38
N LEU I 4 -0.29 16.30 -15.91
CA LEU I 4 -1.43 16.09 -15.01
C LEU I 4 -0.95 16.29 -13.58
N VAL I 5 -1.62 17.18 -12.86
CA VAL I 5 -1.23 17.49 -11.48
C VAL I 5 -2.41 17.36 -10.53
N ARG I 6 -2.27 16.50 -9.54
CA ARG I 6 -3.27 16.35 -8.48
C ARG I 6 -2.83 17.15 -7.26
N MET I 7 -3.75 17.92 -6.69
CA MET I 7 -3.46 18.72 -5.52
C MET I 7 -4.44 18.42 -4.40
N THR I 8 -3.91 18.20 -3.20
CA THR I 8 -4.73 17.99 -2.02
C THR I 8 -4.34 18.99 -0.93
N VAL I 9 -5.31 19.78 -0.49
CA VAL I 9 -5.07 20.80 0.51
C VAL I 9 -5.28 20.25 1.92
N ASN I 10 -4.35 20.58 2.82
CA ASN I 10 -4.49 20.21 4.21
C ASN I 10 -4.18 21.39 5.12
N LEU I 11 -5.23 22.15 5.44
CA LEU I 11 -5.07 23.33 6.27
C LEU I 11 -5.13 22.96 7.75
N PRO I 12 -4.15 23.44 8.52
CA PRO I 12 -4.03 23.15 9.96
C PRO I 12 -5.14 23.80 10.77
N ARG I 13 -5.51 23.18 11.89
CA ARG I 13 -6.56 23.69 12.75
C ARG I 13 -6.22 25.08 13.26
N ASN I 14 -4.98 25.25 13.72
CA ASN I 14 -4.55 26.52 14.31
C ASN I 14 -4.15 27.54 13.24
N LEU I 15 -4.94 27.62 12.18
CA LEU I 15 -4.70 28.60 11.13
C LEU I 15 -5.57 29.83 11.36
N ASP I 16 -4.92 30.95 11.65
CA ASP I 16 -5.63 32.20 11.88
C ASP I 16 -6.68 32.38 10.79
N PRO I 17 -7.96 32.55 11.18
CA PRO I 17 -9.05 32.64 10.21
C PRO I 17 -8.83 33.78 9.21
N ARG I 18 -7.96 34.72 9.56
CA ARG I 18 -7.68 35.86 8.70
C ARG I 18 -6.60 35.50 7.69
N GLU I 19 -5.63 34.72 8.13
CA GLU I 19 -4.58 34.22 7.24
C GLU I 19 -5.16 33.22 6.26
N GLU I 20 -6.20 32.52 6.69
CA GLU I 20 -6.86 31.52 5.85
C GLU I 20 -7.63 32.17 4.71
N GLU I 21 -8.43 33.18 5.03
CA GLU I 21 -9.22 33.87 4.02
C GLU I 21 -8.32 34.59 3.02
N ARG I 22 -7.15 35.02 3.49
CA ARG I 22 -6.18 35.69 2.62
C ARG I 22 -5.62 34.70 1.60
N LEU I 23 -5.38 33.47 2.05
CA LEU I 23 -4.81 32.44 1.19
C LEU I 23 -5.78 31.99 0.11
N LYS I 24 -7.07 31.90 0.46
CA LYS I 24 -8.08 31.47 -0.49
C LYS I 24 -8.21 32.52 -1.61
N ALA I 25 -8.00 33.78 -1.26
CA ALA I 25 -8.10 34.86 -2.22
C ALA I 25 -6.85 34.93 -3.09
N SER I 26 -5.68 34.79 -2.45
CA SER I 26 -4.42 34.81 -3.17
C SER I 26 -4.36 33.65 -4.16
N ALA I 27 -4.78 32.47 -3.70
CA ALA I 27 -4.81 31.28 -4.53
C ALA I 27 -5.73 31.49 -5.73
N LYS I 28 -6.93 31.98 -5.47
CA LYS I 28 -7.91 32.21 -6.53
C LYS I 28 -7.41 33.26 -7.52
N ALA I 29 -6.77 34.30 -7.02
CA ALA I 29 -6.21 35.34 -7.87
C ALA I 29 -5.04 34.78 -8.68
N ARG I 30 -4.18 34.01 -8.02
CA ARG I 30 -3.01 33.43 -8.66
C ARG I 30 -3.42 32.44 -9.75
N SER I 31 -4.40 31.60 -9.45
CA SER I 31 -4.85 30.61 -10.41
C SER I 31 -5.51 31.27 -11.62
N ARG I 32 -6.20 32.37 -11.39
CA ARG I 32 -6.85 33.10 -12.47
C ARG I 32 -5.80 33.60 -13.46
N THR I 33 -4.76 34.25 -12.96
CA THR I 33 -3.70 34.78 -13.81
C THR I 33 -3.11 33.67 -14.67
N LEU I 34 -2.82 32.54 -14.04
CA LEU I 34 -2.17 31.42 -14.72
C LEU I 34 -3.09 30.76 -15.75
N GLN I 35 -4.39 30.74 -15.47
CA GLN I 35 -5.35 30.21 -16.42
C GLN I 35 -5.47 31.15 -17.61
N GLU I 36 -5.54 32.45 -17.33
CA GLU I 36 -5.65 33.46 -18.36
C GLU I 36 -4.48 33.38 -19.35
N GLN I 37 -3.29 33.08 -18.83
CA GLN I 37 -2.09 33.03 -19.66
C GLN I 37 -1.98 31.69 -20.41
N GLY I 38 -2.64 30.66 -19.90
CA GLY I 38 -2.73 29.40 -20.61
C GLY I 38 -1.96 28.25 -19.97
N GLN I 39 -1.04 28.57 -19.07
CA GLN I 39 -0.22 27.53 -18.43
C GLN I 39 -1.07 26.61 -17.55
N TRP I 40 -2.09 27.18 -16.91
CA TRP I 40 -3.03 26.37 -16.14
C TRP I 40 -4.24 26.08 -17.01
N ARG I 41 -4.12 25.07 -17.86
CA ARG I 41 -5.12 24.83 -18.90
C ARG I 41 -6.48 24.38 -18.33
N TYR I 42 -6.48 23.29 -17.57
CA TYR I 42 -7.72 22.79 -17.00
C TYR I 42 -7.66 22.70 -15.48
N LEU I 43 -8.77 23.04 -14.83
CA LEU I 43 -8.89 22.96 -13.39
C LEU I 43 -10.25 22.36 -13.03
N TRP I 44 -10.23 21.27 -12.29
CA TRP I 44 -11.46 20.66 -11.80
C TRP I 44 -11.36 20.37 -10.32
N ARG I 45 -12.50 20.38 -9.65
CA ARG I 45 -12.56 20.02 -8.24
C ARG I 45 -12.71 18.52 -8.09
N THR I 46 -11.93 17.95 -7.17
CA THR I 46 -12.08 16.56 -6.79
C THR I 46 -13.30 16.44 -5.86
N THR I 47 -14.37 15.87 -6.39
CA THR I 47 -15.64 15.78 -5.66
C THR I 47 -15.49 15.19 -4.27
N GLY I 48 -16.04 15.88 -3.27
CA GLY I 48 -15.97 15.42 -1.90
C GLY I 48 -14.70 15.78 -1.16
N LYS I 49 -13.75 16.41 -1.85
CA LYS I 49 -12.45 16.70 -1.24
C LYS I 49 -11.99 18.14 -1.48
N TYR I 50 -11.15 18.62 -0.58
CA TYR I 50 -10.54 19.94 -0.71
C TYR I 50 -9.28 19.78 -1.55
N GLY I 51 -9.43 19.85 -2.87
CA GLY I 51 -8.32 19.68 -3.78
C GLY I 51 -8.76 19.83 -5.22
N ASN I 52 -7.85 19.53 -6.15
CA ASN I 52 -8.18 19.64 -7.57
C ASN I 52 -7.38 18.69 -8.43
N ILE I 53 -7.90 18.43 -9.63
CA ILE I 53 -7.14 17.82 -10.70
C ILE I 53 -6.87 18.91 -11.73
N SER I 54 -5.61 19.06 -12.11
CA SER I 54 -5.24 20.13 -13.04
C SER I 54 -4.42 19.61 -14.22
N VAL I 55 -4.47 20.35 -15.32
CA VAL I 55 -3.59 20.11 -16.45
C VAL I 55 -2.80 21.38 -16.72
N PHE I 56 -1.49 21.28 -16.69
CA PHE I 56 -0.62 22.43 -16.93
C PHE I 56 0.05 22.32 -18.30
N ASP I 57 0.29 23.47 -18.92
CA ASP I 57 0.92 23.53 -20.22
C ASP I 57 2.11 24.48 -20.19
N VAL I 58 3.30 23.93 -19.92
CA VAL I 58 4.50 24.74 -19.79
C VAL I 58 5.61 24.16 -20.66
N ASN I 59 6.68 24.93 -20.85
CA ASN I 59 7.73 24.54 -21.78
C ASN I 59 8.85 23.70 -21.17
N SER I 60 8.82 23.51 -19.85
CA SER I 60 9.86 22.70 -19.19
C SER I 60 9.47 22.26 -17.79
N HIS I 61 10.17 21.24 -17.29
CA HIS I 61 9.98 20.79 -15.91
C HIS I 61 10.24 21.95 -14.97
N ASP I 62 11.32 22.68 -15.22
CA ASP I 62 11.72 23.78 -14.35
C ASP I 62 10.64 24.84 -14.24
N GLU I 63 9.98 25.12 -15.36
CA GLU I 63 8.92 26.13 -15.36
C GLU I 63 7.72 25.67 -14.55
N LEU I 64 7.41 24.39 -14.60
CA LEU I 64 6.32 23.84 -13.81
C LEU I 64 6.64 23.96 -12.32
N HIS I 65 7.84 23.53 -11.95
CA HIS I 65 8.26 23.56 -10.55
C HIS I 65 8.10 24.95 -9.94
N GLU I 66 8.66 25.96 -10.59
CA GLU I 66 8.61 27.32 -10.07
C GLU I 66 7.17 27.82 -9.90
N ILE I 67 6.30 27.40 -10.81
CA ILE I 67 4.88 27.76 -10.71
C ILE I 67 4.24 27.11 -9.49
N LEU I 68 4.41 25.79 -9.37
CA LEU I 68 3.84 25.05 -8.25
C LEU I 68 4.44 25.53 -6.93
N TRP I 69 5.74 25.80 -6.94
CA TRP I 69 6.46 26.24 -5.75
C TRP I 69 5.95 27.60 -5.27
N SER I 70 5.46 28.41 -6.19
CA SER I 70 5.05 29.77 -5.88
C SER I 70 3.58 29.86 -5.46
N LEU I 71 2.84 28.78 -5.63
CA LEU I 71 1.42 28.77 -5.27
C LEU I 71 1.24 29.11 -3.79
N PRO I 72 0.23 29.94 -3.48
CA PRO I 72 -0.03 30.31 -2.08
C PRO I 72 -0.28 29.11 -1.16
N PHE I 73 -0.93 28.07 -1.67
CA PHE I 73 -1.29 26.91 -0.85
C PHE I 73 -0.17 25.88 -0.78
N PHE I 74 0.92 26.12 -1.49
CA PHE I 74 1.98 25.12 -1.64
C PHE I 74 2.39 24.47 -0.31
N PRO I 75 2.66 25.27 0.72
CA PRO I 75 3.11 24.68 1.99
C PRO I 75 2.06 23.80 2.67
N TYR I 76 0.85 23.73 2.11
CA TYR I 76 -0.20 22.88 2.65
C TYR I 76 -0.66 21.85 1.64
N LEU I 77 0.04 21.76 0.51
CA LEU I 77 -0.38 20.89 -0.58
C LEU I 77 0.38 19.57 -0.62
N THR I 78 -0.33 18.52 -0.98
CA THR I 78 0.29 17.28 -1.41
C THR I 78 0.12 17.23 -2.93
N ILE I 79 1.23 17.10 -3.64
CA ILE I 79 1.23 17.23 -5.08
C ILE I 79 1.77 16.01 -5.79
N ASP I 80 1.04 15.55 -6.80
CA ASP I 80 1.52 14.48 -7.66
CA ASP I 80 1.53 14.48 -7.67
C ASP I 80 1.60 14.98 -9.10
N VAL I 81 2.76 14.80 -9.72
CA VAL I 81 2.99 15.29 -11.07
C VAL I 81 3.19 14.13 -12.03
N GLU I 82 2.61 14.26 -13.22
CA GLU I 82 2.62 13.18 -14.19
C GLU I 82 2.65 13.77 -15.60
N PRO I 83 3.65 13.37 -16.41
CA PRO I 83 3.70 13.87 -17.78
C PRO I 83 2.64 13.24 -18.69
N LEU I 84 2.02 14.06 -19.54
CA LEU I 84 1.06 13.57 -20.52
C LEU I 84 1.64 13.73 -21.91
N SER I 85 1.36 12.75 -22.78
CA SER I 85 1.80 12.81 -24.17
C SER I 85 0.60 12.84 -25.10
N HIS I 86 0.83 13.21 -26.36
CA HIS I 86 -0.23 13.18 -27.35
C HIS I 86 -0.62 11.74 -27.65
N HIS I 87 -1.92 11.48 -27.63
CA HIS I 87 -2.43 10.14 -27.91
C HIS I 87 -2.77 10.03 -29.39
N PRO I 88 -2.22 9.01 -30.08
CA PRO I 88 -2.44 8.85 -31.52
C PRO I 88 -3.92 8.76 -31.90
N ALA I 89 -4.70 8.06 -31.10
CA ALA I 89 -6.14 7.95 -31.33
C ALA I 89 -6.91 9.23 -31.03
N ARG I 90 -6.20 10.28 -30.61
CA ARG I 90 -6.84 11.55 -30.29
C ARG I 90 -7.40 12.21 -31.54
N VAL I 91 -8.63 12.72 -31.41
CA VAL I 91 -9.26 13.49 -32.48
C VAL I 91 -9.46 14.93 -32.03
N GLY I 92 -8.94 15.87 -32.81
CA GLY I 92 -9.05 17.28 -32.49
C GLY I 92 -7.76 17.83 -31.91
N MET J 1 -28.91 -9.17 10.31
CA MET J 1 -28.02 -7.98 10.39
C MET J 1 -27.32 -7.73 9.05
N LEU J 2 -26.80 -6.52 8.89
CA LEU J 2 -26.34 -6.04 7.59
C LEU J 2 -24.84 -6.18 7.39
N TYR J 3 -24.44 -6.56 6.18
CA TYR J 3 -23.04 -6.62 5.78
C TYR J 3 -22.86 -5.92 4.45
N LEU J 4 -21.91 -5.00 4.37
CA LEU J 4 -21.50 -4.45 3.08
C LEU J 4 -20.51 -5.42 2.46
N VAL J 5 -20.79 -5.84 1.23
CA VAL J 5 -19.94 -6.82 0.56
C VAL J 5 -19.53 -6.32 -0.82
N ARG J 6 -18.22 -6.20 -1.04
CA ARG J 6 -17.69 -5.83 -2.34
C ARG J 6 -17.23 -7.08 -3.07
N MET J 7 -17.57 -7.18 -4.35
CA MET J 7 -17.16 -8.32 -5.16
C MET J 7 -16.50 -7.85 -6.44
N THR J 8 -15.42 -8.50 -6.82
CA THR J 8 -14.71 -8.19 -8.06
C THR J 8 -14.45 -9.47 -8.83
N VAL J 9 -14.93 -9.51 -10.07
CA VAL J 9 -14.79 -10.69 -10.91
C VAL J 9 -13.49 -10.65 -11.70
N ASN J 10 -12.70 -11.72 -11.59
CA ASN J 10 -11.46 -11.83 -12.34
C ASN J 10 -11.45 -13.11 -13.17
N LEU J 11 -11.87 -13.00 -14.41
CA LEU J 11 -12.00 -14.15 -15.29
C LEU J 11 -10.66 -14.59 -15.87
N PRO J 12 -10.41 -15.91 -15.88
CA PRO J 12 -9.20 -16.49 -16.49
C PRO J 12 -9.13 -16.19 -17.98
N ARG J 13 -7.90 -15.98 -18.47
CA ARG J 13 -7.67 -15.72 -19.89
C ARG J 13 -8.18 -16.88 -20.75
N ASN J 14 -7.94 -18.11 -20.31
CA ASN J 14 -8.26 -19.30 -21.08
C ASN J 14 -9.69 -19.80 -20.92
N LEU J 15 -10.50 -19.07 -20.16
CA LEU J 15 -11.86 -19.51 -19.88
C LEU J 15 -12.67 -19.67 -21.16
N ASP J 16 -13.44 -20.74 -21.24
CA ASP J 16 -14.30 -21.01 -22.39
C ASP J 16 -15.43 -19.98 -22.44
N PRO J 17 -15.62 -19.32 -23.59
CA PRO J 17 -16.69 -18.32 -23.73
C PRO J 17 -18.07 -18.91 -23.46
N ARG J 18 -18.28 -20.17 -23.81
CA ARG J 18 -19.53 -20.86 -23.51
C ARG J 18 -19.71 -21.00 -21.99
N GLU J 19 -18.62 -21.36 -21.32
CA GLU J 19 -18.66 -21.53 -19.87
C GLU J 19 -18.98 -20.21 -19.17
N GLU J 20 -18.43 -19.11 -19.70
CA GLU J 20 -18.69 -17.80 -19.13
C GLU J 20 -20.17 -17.45 -19.22
N GLU J 21 -20.77 -17.71 -20.37
CA GLU J 21 -22.19 -17.43 -20.58
C GLU J 21 -23.06 -18.24 -19.61
N ARG J 22 -22.68 -19.48 -19.37
CA ARG J 22 -23.42 -20.33 -18.45
C ARG J 22 -23.32 -19.79 -17.03
N LEU J 23 -22.12 -19.38 -16.64
CA LEU J 23 -21.88 -18.83 -15.31
C LEU J 23 -22.70 -17.57 -15.08
N LYS J 24 -22.68 -16.67 -16.07
CA LYS J 24 -23.42 -15.42 -15.97
C LYS J 24 -24.90 -15.69 -15.74
N ALA J 25 -25.46 -16.59 -16.55
CA ALA J 25 -26.87 -16.96 -16.42
C ALA J 25 -27.14 -17.62 -15.07
N SER J 26 -26.21 -18.47 -14.63
CA SER J 26 -26.37 -19.18 -13.36
C SER J 26 -26.27 -18.20 -12.20
N ALA J 27 -25.35 -17.24 -12.31
CA ALA J 27 -25.16 -16.23 -11.28
C ALA J 27 -26.37 -15.33 -11.19
N LYS J 28 -26.90 -14.94 -12.34
CA LYS J 28 -28.07 -14.07 -12.38
C LYS J 28 -29.24 -14.76 -11.68
N ALA J 29 -29.43 -16.04 -11.97
CA ALA J 29 -30.51 -16.80 -11.38
C ALA J 29 -30.36 -16.89 -9.86
N ARG J 30 -29.17 -17.24 -9.41
CA ARG J 30 -28.89 -17.38 -7.98
C ARG J 30 -29.13 -16.06 -7.24
N SER J 31 -28.66 -14.96 -7.82
CA SER J 31 -28.82 -13.65 -7.21
CA SER J 31 -28.82 -13.65 -7.22
C SER J 31 -30.29 -13.25 -7.15
N ARG J 32 -31.05 -13.61 -8.19
CA ARG J 32 -32.46 -13.26 -8.21
C ARG J 32 -33.21 -13.87 -7.03
N THR J 33 -32.97 -15.14 -6.75
CA THR J 33 -33.69 -15.82 -5.68
C THR J 33 -33.20 -15.35 -4.30
N LEU J 34 -31.92 -15.01 -4.20
CA LEU J 34 -31.37 -14.49 -2.96
C LEU J 34 -31.95 -13.11 -2.65
N GLN J 35 -32.23 -12.34 -3.69
CA GLN J 35 -32.87 -11.04 -3.52
C GLN J 35 -34.34 -11.21 -3.16
N GLU J 36 -35.03 -12.09 -3.89
CA GLU J 36 -36.44 -12.33 -3.66
C GLU J 36 -36.72 -12.76 -2.23
N GLN J 37 -35.83 -13.57 -1.67
CA GLN J 37 -36.03 -14.12 -0.33
C GLN J 37 -35.56 -13.17 0.77
N GLY J 38 -34.89 -12.09 0.38
CA GLY J 38 -34.55 -11.03 1.31
C GLY J 38 -33.11 -11.02 1.81
N GLN J 39 -32.34 -12.05 1.51
CA GLN J 39 -30.95 -12.11 1.97
C GLN J 39 -30.07 -11.11 1.25
N TRP J 40 -30.22 -11.03 -0.07
CA TRP J 40 -29.46 -10.08 -0.88
C TRP J 40 -30.27 -8.81 -1.04
N ARG J 41 -30.05 -7.86 -0.13
CA ARG J 41 -30.91 -6.68 -0.01
C ARG J 41 -30.64 -5.65 -1.10
N TYR J 42 -29.38 -5.25 -1.27
CA TYR J 42 -29.02 -4.29 -2.30
C TYR J 42 -27.91 -4.81 -3.20
N LEU J 43 -27.99 -4.45 -4.48
CA LEU J 43 -27.00 -4.86 -5.47
C LEU J 43 -26.77 -3.73 -6.47
N TRP J 44 -25.55 -3.22 -6.53
CA TRP J 44 -25.20 -2.16 -7.47
C TRP J 44 -23.94 -2.53 -8.24
N ARG J 45 -23.84 -2.03 -9.46
CA ARG J 45 -22.66 -2.24 -10.28
C ARG J 45 -21.55 -1.28 -9.89
N THR J 46 -20.33 -1.81 -9.75
CA THR J 46 -19.16 -0.97 -9.54
C THR J 46 -18.76 -0.34 -10.87
N THR J 47 -19.20 0.90 -11.08
CA THR J 47 -19.02 1.58 -12.36
C THR J 47 -17.59 1.44 -12.88
N GLY J 48 -17.47 1.05 -14.15
CA GLY J 48 -16.18 0.82 -14.77
C GLY J 48 -15.57 -0.56 -14.59
N LYS J 49 -16.15 -1.38 -13.71
CA LYS J 49 -15.55 -2.66 -13.36
C LYS J 49 -16.54 -3.83 -13.38
N TYR J 50 -16.01 -5.03 -13.55
CA TYR J 50 -16.83 -6.24 -13.50
C TYR J 50 -16.92 -6.71 -12.05
N GLY J 51 -17.84 -6.11 -11.30
CA GLY J 51 -18.04 -6.46 -9.91
C GLY J 51 -19.26 -5.75 -9.36
N ASN J 52 -19.42 -5.75 -8.05
CA ASN J 52 -20.59 -5.12 -7.45
C ASN J 52 -20.36 -4.70 -6.01
N ILE J 53 -21.18 -3.76 -5.56
CA ILE J 53 -21.31 -3.45 -4.15
C ILE J 53 -22.67 -3.99 -3.71
N SER J 54 -22.68 -4.73 -2.61
CA SER J 54 -23.91 -5.33 -2.13
C SER J 54 -24.11 -5.11 -0.64
N VAL J 55 -25.37 -5.19 -0.20
CA VAL J 55 -25.69 -5.24 1.20
C VAL J 55 -26.47 -6.52 1.45
N PHE J 56 -25.94 -7.38 2.31
CA PHE J 56 -26.63 -8.61 2.66
C PHE J 56 -27.28 -8.51 4.03
N ASP J 57 -28.45 -9.14 4.16
CA ASP J 57 -29.21 -9.13 5.40
C ASP J 57 -29.46 -10.57 5.83
N VAL J 58 -28.69 -11.03 6.81
CA VAL J 58 -28.75 -12.42 7.26
C VAL J 58 -28.66 -12.50 8.78
N ASN J 59 -28.92 -13.68 9.32
CA ASN J 59 -29.00 -13.85 10.76
C ASN J 59 -27.65 -14.12 11.44
N SER J 60 -26.62 -14.45 10.65
CA SER J 60 -25.32 -14.73 11.24
C SER J 60 -24.19 -14.73 10.21
N HIS J 61 -22.95 -14.76 10.71
CA HIS J 61 -21.77 -14.85 9.86
C HIS J 61 -21.82 -16.16 9.09
N ASP J 62 -22.16 -17.24 9.79
CA ASP J 62 -22.20 -18.56 9.19
C ASP J 62 -23.14 -18.59 7.99
N GLU J 63 -24.31 -17.98 8.16
CA GLU J 63 -25.29 -17.92 7.09
C GLU J 63 -24.72 -17.14 5.90
N LEU J 64 -24.09 -16.01 6.17
CA LEU J 64 -23.50 -15.21 5.11
C LEU J 64 -22.46 -16.01 4.34
N HIS J 65 -21.59 -16.72 5.05
CA HIS J 65 -20.52 -17.48 4.39
C HIS J 65 -21.08 -18.53 3.44
N GLU J 66 -22.07 -19.30 3.90
CA GLU J 66 -22.64 -20.36 3.07
C GLU J 66 -23.22 -19.78 1.79
N ILE J 67 -23.82 -18.60 1.89
CA ILE J 67 -24.38 -17.92 0.73
C ILE J 67 -23.29 -17.51 -0.25
N LEU J 68 -22.28 -16.81 0.23
CA LEU J 68 -21.18 -16.35 -0.63
C LEU J 68 -20.46 -17.54 -1.24
N TRP J 69 -20.27 -18.58 -0.44
CA TRP J 69 -19.59 -19.80 -0.88
C TRP J 69 -20.31 -20.45 -2.06
N SER J 70 -21.63 -20.28 -2.12
CA SER J 70 -22.45 -20.98 -3.11
C SER J 70 -22.64 -20.18 -4.40
N LEU J 71 -22.11 -18.96 -4.44
CA LEU J 71 -22.25 -18.13 -5.63
C LEU J 71 -21.46 -18.73 -6.79
N PRO J 72 -22.08 -18.81 -7.98
CA PRO J 72 -21.43 -19.40 -9.15
C PRO J 72 -20.06 -18.79 -9.48
N PHE J 73 -19.91 -17.48 -9.31
CA PHE J 73 -18.65 -16.81 -9.63
C PHE J 73 -17.62 -16.91 -8.51
N PHE J 74 -17.97 -17.56 -7.40
CA PHE J 74 -17.12 -17.54 -6.21
C PHE J 74 -15.65 -17.81 -6.51
N PRO J 75 -15.35 -18.88 -7.26
CA PRO J 75 -13.94 -19.20 -7.52
C PRO J 75 -13.19 -18.11 -8.28
N TYR J 76 -13.92 -17.18 -8.89
CA TYR J 76 -13.29 -16.08 -9.62
C TYR J 76 -13.45 -14.74 -8.92
N LEU J 77 -13.96 -14.76 -7.69
CA LEU J 77 -14.26 -13.52 -6.99
C LEU J 77 -13.22 -13.13 -5.96
N THR J 78 -12.96 -11.83 -5.88
CA THR J 78 -12.27 -11.25 -4.75
C THR J 78 -13.35 -10.56 -3.92
N ILE J 79 -13.47 -10.97 -2.66
CA ILE J 79 -14.59 -10.54 -1.83
C ILE J 79 -14.14 -9.83 -0.56
N ASP J 80 -14.77 -8.71 -0.27
CA ASP J 80 -14.51 -7.97 0.96
CA ASP J 80 -14.51 -7.97 0.96
C ASP J 80 -15.79 -7.84 1.77
N VAL J 81 -15.76 -8.33 3.00
CA VAL J 81 -16.93 -8.32 3.86
C VAL J 81 -16.75 -7.35 5.01
N GLU J 82 -17.80 -6.58 5.29
CA GLU J 82 -17.74 -5.54 6.31
C GLU J 82 -19.09 -5.40 7.01
N PRO J 83 -19.13 -5.71 8.32
CA PRO J 83 -20.38 -5.58 9.08
C PRO J 83 -20.84 -4.13 9.22
N LEU J 84 -22.15 -3.92 9.13
CA LEU J 84 -22.73 -2.59 9.27
C LEU J 84 -23.60 -2.52 10.51
N SER J 85 -23.53 -1.40 11.22
CA SER J 85 -24.35 -1.19 12.41
C SER J 85 -25.38 -0.09 12.16
N HIS J 86 -26.49 -0.15 12.89
CA HIS J 86 -27.48 0.91 12.82
C HIS J 86 -26.86 2.22 13.28
N HIS J 87 -27.18 3.30 12.57
CA HIS J 87 -26.61 4.61 12.85
C HIS J 87 -27.62 5.45 13.63
N PRO J 88 -27.18 6.09 14.72
CA PRO J 88 -28.08 6.86 15.58
C PRO J 88 -28.77 8.01 14.83
N ALA J 89 -28.04 8.68 13.96
CA ALA J 89 -28.61 9.73 13.12
C ALA J 89 -29.49 9.22 11.97
N ARG J 90 -29.69 7.90 11.89
CA ARG J 90 -30.54 7.34 10.84
C ARG J 90 -32.00 7.73 11.03
N VAL J 91 -32.62 8.21 9.95
CA VAL J 91 -34.05 8.54 9.96
C VAL J 91 -34.85 7.40 9.38
N GLY J 92 -35.82 6.89 10.15
CA GLY J 92 -36.64 5.79 9.71
C GLY J 92 -35.90 4.47 9.76
OAB K6H K . -9.33 -28.14 6.59
CAI K6H K . -8.57 -27.23 6.31
OAG K6H K . -8.18 -26.89 4.95
CAE K6H K . -7.91 -26.33 7.26
CAF K6H K . -7.17 -25.48 6.57
CAK K6H K . -7.26 -25.79 5.08
CAJ K6H K . -7.72 -24.58 4.28
CLAD K6H K . -6.44 -23.32 4.34
CAH K6H K . -9.01 -24.03 4.83
OAA K6H K . -10.08 -24.31 4.24
OAC K6H K . -8.98 -23.32 5.87
HAE K6H K . -8.03 -26.34 8.34
HAK K6H K . -6.27 -26.09 4.71
HAF K6H K . -6.57 -24.71 6.99
HAJ K6H K . -7.89 -24.89 3.23
CL CL L . -4.11 -27.50 4.75
CL CL M . 11.75 -25.44 4.94
OAB K6H N . 21.60 2.30 21.04
CAI K6H N . 20.45 2.16 20.62
OAG K6H N . 19.50 3.26 20.50
CAE K6H N . 19.85 0.91 20.17
CAF K6H N . 18.61 1.17 19.83
CAK K6H N . 18.28 2.65 20.04
CAJ K6H N . 17.75 3.30 18.76
CLAD K6H N . 16.26 2.47 18.25
CAH K6H N . 18.77 3.26 17.66
OAA K6H N . 18.81 2.25 16.92
OAC K6H N . 19.53 4.24 17.52
HAE K6H N . 20.33 -0.05 20.14
HAK K6H N . 17.51 2.73 20.82
HAF K6H N . 17.90 0.45 19.46
HAJ K6H N . 17.52 4.36 18.99
CL CL O . 16.39 1.92 23.03
CL CL P . 5.21 -16.34 24.95
CL CL Q . 24.79 6.78 13.47
CL CL R . 18.50 -19.99 -5.29
CL CL S . 29.53 -1.43 -7.25
OAB K6H T . 18.53 -23.27 -0.87
CAI K6H T . 18.01 -22.19 -1.15
OAG K6H T . 16.87 -22.04 -2.03
CAE K6H T . 18.45 -20.89 -0.65
CAF K6H T . 17.66 -19.98 -1.19
CAK K6H T . 16.65 -20.62 -2.12
CAJ K6H T . 15.21 -20.23 -1.77
CLAD K6H T . 14.99 -18.49 -2.09
CAH K6H T . 14.90 -20.52 -0.32
OAA K6H T . 15.10 -19.62 0.52
OAC K6H T . 14.45 -21.65 -0.02
HAE K6H T . 19.26 -20.70 0.03
HAK K6H T . 16.85 -20.29 -3.14
HAF K6H T . 17.74 -18.92 -1.01
HAJ K6H T . 14.53 -20.81 -2.40
OAB K6H U . -6.90 -3.42 29.71
CAI K6H U . -7.07 -3.16 28.52
OAG K6H U . -6.78 -1.87 27.92
CAE K6H U . -7.57 -4.09 27.51
CAF K6H U . -7.61 -3.43 26.38
CAK K6H U . -7.15 -1.99 26.54
CAJ K6H U . -5.97 -1.66 25.62
CLAD K6H U . -6.54 -1.63 23.92
CAH K6H U . -4.88 -2.69 25.76
OAA K6H U . -4.68 -3.48 24.81
OAC K6H U . -4.21 -2.71 26.82
HAE K6H U . -7.86 -5.11 27.67
HAK K6H U . -7.98 -1.31 26.31
HAF K6H U . -7.94 -3.86 25.44
HAJ K6H U . -5.58 -0.68 25.90
CL CL V . -10.19 0.09 26.60
OAB K6H W . 20.11 -3.44 -22.70
CAI K6H W . 19.04 -3.16 -22.19
OAG K6H W . 17.97 -4.12 -21.97
CAE K6H W . 18.64 -1.83 -21.72
CAF K6H W . 17.41 -1.93 -21.26
CAK K6H W . 16.89 -3.36 -21.41
CAJ K6H W . 16.41 -3.92 -20.06
CLAD K6H W . 15.07 -2.91 -19.47
CAH K6H W . 17.53 -3.95 -19.05
OAA K6H W . 17.61 -3.00 -18.25
OAC K6H W . 18.32 -4.90 -19.07
HAE K6H W . 19.24 -0.94 -21.75
HAK K6H W . 16.03 -3.36 -22.11
HAF K6H W . 16.84 -1.12 -20.85
HAJ K6H W . 16.05 -4.95 -20.23
CL CL X . 14.97 -2.35 -24.19
CL CL Y . -10.57 0.45 -26.05
OAB K6H Z . -7.33 4.24 -29.09
CAI K6H Z . -7.43 3.71 -27.99
OAG K6H Z . -6.84 2.44 -27.64
CAE K6H Z . -8.15 4.27 -26.84
CAF K6H Z . -8.05 3.39 -25.85
CAK K6H Z . -7.26 2.17 -26.28
CAJ K6H Z . -6.07 1.92 -25.36
CLAD K6H Z . -6.66 1.84 -23.68
CAH K6H Z . -5.04 3.01 -25.48
OAA K6H Z . -5.14 4.02 -24.75
OAC K6H Z . -4.13 2.88 -26.33
HAE K6H Z . -8.68 5.21 -26.81
HAK K6H Z . -7.92 1.29 -26.26
HAF K6H Z . -8.49 3.52 -24.88
HAJ K6H Z . -5.62 0.97 -25.64
OAB K6H AA . 20.52 22.53 -0.41
CAI K6H AA . 20.00 21.46 -0.12
OAG K6H AA . 18.98 21.30 0.89
CAE K6H AA . 20.33 20.17 -0.72
CAF K6H AA . 19.57 19.26 -0.13
CAK K6H AA . 18.69 19.89 0.92
CAJ K6H AA . 17.21 19.61 0.69
CLAD K6H AA . 16.88 17.88 0.97
CAH K6H AA . 16.83 19.99 -0.71
OAA K6H AA . 16.28 21.10 -0.91
OAC K6H AA . 17.05 19.18 -1.64
HAE K6H AA . 21.05 19.99 -1.51
HAK K6H AA . 18.98 19.48 1.91
HAF K6H AA . 19.59 18.21 -0.38
HAJ K6H AA . 16.63 20.22 1.39
CL CL BA . 20.42 18.95 3.90
OAB K6H CA . -24.97 12.44 12.43
CAI K6H CA . -23.98 12.39 11.70
OAG K6H CA . -22.66 12.85 12.09
CAE K6H CA . -23.97 11.88 10.34
CAF K6H CA . -22.73 12.01 9.88
CAK K6H CA . -21.83 12.65 10.93
CAJ K6H CA . -20.62 11.78 11.24
CLAD K6H CA . -19.62 11.60 9.77
CAH K6H CA . -21.04 10.43 11.75
OAA K6H CA . -21.02 10.22 12.98
OAC K6H CA . -21.37 9.55 10.91
HAE K6H CA . -24.80 11.47 9.79
HAK K6H CA . -21.48 13.62 10.55
HAF K6H CA . -22.41 11.71 8.90
HAJ K6H CA . -20.03 12.29 12.02
CL CL DA . -21.58 15.86 9.26
CL CL EA . -2.68 27.82 -4.53
OAB K6H FA . -8.32 28.81 -6.19
CAI K6H FA . -7.54 27.88 -6.04
OAG K6H FA . -6.99 27.47 -4.75
CAE K6H FA . -7.00 27.03 -7.10
CAF K6H FA . -6.19 26.16 -6.54
CAK K6H FA . -6.09 26.39 -5.04
CAJ K6H FA . -6.43 25.14 -4.23
CLAD K6H FA . -5.16 23.91 -4.48
CAH K6H FA . -7.76 24.57 -4.66
OAA K6H FA . -8.78 24.89 -4.01
OAC K6H FA . -7.79 23.81 -5.65
HAE K6H FA . -7.24 27.10 -8.15
HAK K6H FA . -5.06 26.69 -4.79
HAF K6H FA . -5.64 25.40 -7.08
HAJ K6H FA . -6.49 25.41 -3.18
OAB K6H GA . -25.59 -11.72 -11.61
CAI K6H GA . -24.61 -11.63 -10.88
OAG K6H GA . -23.29 -12.14 -11.21
CAE K6H GA . -24.59 -11.02 -9.55
CAF K6H GA . -23.37 -11.13 -9.09
CAK K6H GA . -22.47 -11.86 -10.07
CAJ K6H GA . -21.25 -11.02 -10.44
CLAD K6H GA . -20.14 -10.92 -9.05
CAH K6H GA . -21.67 -9.64 -10.86
OAA K6H GA . -21.64 -8.73 -10.01
OAC K6H GA . -22.03 -9.45 -12.05
HAE K6H GA . -25.42 -10.55 -9.05
HAK K6H GA . -22.12 -12.79 -9.62
HAF K6H GA . -23.04 -10.77 -8.12
HAJ K6H GA . -20.74 -11.51 -11.29
CL CL HA . -22.17 -15.11 -8.53
#